data_5O6F
#
_entry.id   5O6F
#
_cell.length_a   1.000
_cell.length_b   1.000
_cell.length_c   1.000
_cell.angle_alpha   90.00
_cell.angle_beta   90.00
_cell.angle_gamma   90.00
#
_symmetry.space_group_name_H-M   'P 1'
#
_entity_poly.entity_id   1
_entity_poly.type   'polypeptide(L)'
_entity_poly.pdbx_seq_one_letter_code
;MAQGTVKWFNAEKGFGFIAPDDGSADVFVHYSEIQGNGFRTLEENQKVEFEIGEGAKGPQAQQVHALGGENLYFQGHHHH
HH
;
_entity_poly.pdbx_strand_id   A
#
# COMPACT_ATOMS: atom_id res chain seq x y z
N MET A 1 4.86 -12.72 3.05
CA MET A 1 4.96 -11.28 2.70
C MET A 1 4.62 -11.06 1.24
N ALA A 2 4.32 -9.83 0.87
CA ALA A 2 4.07 -9.46 -0.50
C ALA A 2 4.28 -7.97 -0.70
N GLN A 3 4.56 -7.58 -1.92
CA GLN A 3 4.69 -6.18 -2.26
C GLN A 3 3.79 -5.87 -3.44
N GLY A 4 3.65 -4.62 -3.77
CA GLY A 4 2.87 -4.25 -4.92
C GLY A 4 2.65 -2.77 -5.03
N THR A 5 1.62 -2.41 -5.75
CA THR A 5 1.26 -1.01 -5.93
C THR A 5 -0.21 -0.83 -5.65
N VAL A 6 -0.54 0.07 -4.73
CA VAL A 6 -1.93 0.37 -4.43
C VAL A 6 -2.58 0.98 -5.66
N LYS A 7 -3.47 0.21 -6.28
CA LYS A 7 -4.09 0.60 -7.53
C LYS A 7 -5.13 1.68 -7.29
N TRP A 8 -5.72 1.65 -6.10
CA TRP A 8 -6.59 2.72 -5.65
C TRP A 8 -6.87 2.55 -4.16
N PHE A 9 -7.07 3.66 -3.48
CA PHE A 9 -7.36 3.62 -2.06
C PHE A 9 -8.28 4.75 -1.66
N ASN A 10 -9.34 4.40 -0.96
CA ASN A 10 -10.27 5.38 -0.45
C ASN A 10 -9.86 5.77 0.96
N ALA A 11 -9.22 6.94 1.08
CA ALA A 11 -8.69 7.40 2.35
C ALA A 11 -9.80 7.82 3.31
N GLU A 12 -10.95 8.15 2.75
CA GLU A 12 -12.08 8.59 3.56
C GLU A 12 -12.70 7.41 4.28
N LYS A 13 -12.86 6.32 3.56
CA LYS A 13 -13.49 5.13 4.12
C LYS A 13 -12.45 4.24 4.82
N GLY A 14 -11.23 4.28 4.30
CA GLY A 14 -10.16 3.53 4.88
C GLY A 14 -9.98 2.16 4.26
N PHE A 15 -10.25 2.03 2.97
CA PHE A 15 -10.05 0.76 2.28
C PHE A 15 -9.68 1.00 0.81
N GLY A 16 -9.11 -0.02 0.18
CA GLY A 16 -8.71 0.09 -1.21
C GLY A 16 -8.20 -1.22 -1.75
N PHE A 17 -7.46 -1.17 -2.84
CA PHE A 17 -6.90 -2.38 -3.43
C PHE A 17 -5.47 -2.16 -3.89
N ILE A 18 -4.66 -3.20 -3.75
CA ILE A 18 -3.29 -3.18 -4.21
C ILE A 18 -3.11 -4.21 -5.31
N ALA A 19 -2.23 -3.91 -6.25
CA ALA A 19 -1.83 -4.87 -7.26
C ALA A 19 -0.47 -5.46 -6.90
N PRO A 20 -0.48 -6.58 -6.15
CA PRO A 20 0.75 -7.25 -5.69
C PRO A 20 1.71 -7.57 -6.83
N ASP A 21 2.99 -7.55 -6.50
CA ASP A 21 4.07 -7.88 -7.43
C ASP A 21 4.10 -9.39 -7.67
N ASP A 22 3.39 -10.12 -6.83
CA ASP A 22 3.35 -11.57 -6.87
C ASP A 22 2.36 -12.08 -7.93
N GLY A 23 2.10 -11.25 -8.93
CA GLY A 23 1.18 -11.62 -9.98
C GLY A 23 -0.18 -10.98 -9.80
N SER A 24 -0.26 -10.11 -8.79
CA SER A 24 -1.44 -9.30 -8.51
C SER A 24 -2.74 -10.10 -8.44
N ALA A 25 -3.08 -10.54 -7.24
CA ALA A 25 -4.34 -11.25 -7.01
C ALA A 25 -5.42 -10.28 -6.55
N ASP A 26 -5.12 -8.98 -6.67
CA ASP A 26 -6.01 -7.91 -6.22
C ASP A 26 -6.26 -8.02 -4.72
N VAL A 27 -5.34 -7.48 -3.94
CA VAL A 27 -5.44 -7.58 -2.50
C VAL A 27 -6.16 -6.37 -1.93
N PHE A 28 -7.12 -6.63 -1.05
CA PHE A 28 -7.94 -5.59 -0.45
C PHE A 28 -7.22 -4.96 0.73
N VAL A 29 -7.12 -3.65 0.72
CA VAL A 29 -6.43 -2.92 1.78
C VAL A 29 -7.42 -2.38 2.78
N HIS A 30 -7.01 -2.32 4.03
CA HIS A 30 -7.84 -1.78 5.08
C HIS A 30 -6.98 -0.97 6.04
N TYR A 31 -7.47 0.23 6.38
CA TYR A 31 -6.69 1.24 7.09
C TYR A 31 -6.10 0.74 8.41
N SER A 32 -6.80 -0.16 9.10
CA SER A 32 -6.34 -0.64 10.40
C SER A 32 -5.10 -1.53 10.23
N GLU A 33 -4.94 -2.05 9.02
CA GLU A 33 -3.82 -2.92 8.71
C GLU A 33 -2.64 -2.12 8.18
N ILE A 34 -2.91 -0.89 7.76
CA ILE A 34 -1.89 -0.03 7.21
C ILE A 34 -0.95 0.49 8.28
N GLN A 35 0.33 0.40 8.00
CA GLN A 35 1.37 0.81 8.92
C GLN A 35 2.16 1.95 8.32
N GLY A 36 1.70 3.17 8.54
CA GLY A 36 2.32 4.33 7.92
C GLY A 36 3.07 5.19 8.90
N ASN A 37 3.29 6.44 8.53
CA ASN A 37 4.00 7.40 9.37
C ASN A 37 3.01 8.18 10.23
N GLY A 38 2.02 7.50 10.75
CA GLY A 38 0.96 8.15 11.49
C GLY A 38 -0.34 8.11 10.72
N PHE A 39 -0.23 8.03 9.41
CA PHE A 39 -1.39 7.91 8.54
C PHE A 39 -1.69 6.44 8.26
N ARG A 40 -2.96 6.11 8.22
CA ARG A 40 -3.40 4.76 7.89
C ARG A 40 -3.99 4.76 6.50
N THR A 41 -3.32 5.46 5.60
CA THR A 41 -3.84 5.65 4.26
C THR A 41 -2.78 5.36 3.20
N LEU A 42 -3.23 5.20 1.97
CA LEU A 42 -2.35 4.96 0.85
C LEU A 42 -2.70 5.89 -0.31
N GLU A 43 -1.72 6.14 -1.16
CA GLU A 43 -1.93 6.98 -2.33
C GLU A 43 -1.97 6.13 -3.57
N GLU A 44 -2.90 6.44 -4.46
CA GLU A 44 -3.07 5.68 -5.68
C GLU A 44 -1.81 5.75 -6.54
N ASN A 45 -1.37 4.59 -7.02
CA ASN A 45 -0.16 4.47 -7.83
C ASN A 45 1.10 4.56 -6.98
N GLN A 46 0.97 4.16 -5.73
CA GLN A 46 2.09 4.16 -4.79
C GLN A 46 2.53 2.74 -4.50
N LYS A 47 3.83 2.54 -4.35
CA LYS A 47 4.37 1.23 -4.03
C LYS A 47 4.17 0.92 -2.55
N VAL A 48 3.98 -0.34 -2.24
CA VAL A 48 3.61 -0.74 -0.90
C VAL A 48 4.05 -2.17 -0.61
N GLU A 49 4.29 -2.45 0.67
CA GLU A 49 4.62 -3.79 1.13
C GLU A 49 3.60 -4.23 2.17
N PHE A 50 3.17 -5.47 2.11
CA PHE A 50 2.08 -5.95 2.93
C PHE A 50 2.15 -7.45 3.11
N GLU A 51 1.18 -7.99 3.82
CA GLU A 51 1.04 -9.42 3.98
C GLU A 51 -0.38 -9.83 3.62
N ILE A 52 -0.51 -10.71 2.64
CA ILE A 52 -1.82 -11.11 2.19
C ILE A 52 -2.45 -12.14 3.12
N GLY A 53 -3.63 -11.81 3.61
CA GLY A 53 -4.37 -12.72 4.45
C GLY A 53 -5.74 -13.01 3.88
N GLU A 54 -6.60 -13.59 4.70
CA GLU A 54 -7.93 -13.95 4.25
C GLU A 54 -8.97 -13.07 4.91
N GLY A 55 -9.74 -12.37 4.08
CA GLY A 55 -10.79 -11.52 4.58
C GLY A 55 -12.11 -11.82 3.93
N ALA A 56 -13.14 -11.06 4.31
CA ALA A 56 -14.47 -11.28 3.77
C ALA A 56 -14.52 -10.96 2.28
N LYS A 57 -13.69 -10.03 1.85
CA LYS A 57 -13.66 -9.62 0.45
C LYS A 57 -12.52 -10.32 -0.31
N GLY A 58 -12.03 -11.41 0.25
CA GLY A 58 -10.97 -12.15 -0.40
C GLY A 58 -9.63 -11.90 0.25
N PRO A 59 -8.57 -11.74 -0.54
CA PRO A 59 -7.23 -11.46 -0.02
C PRO A 59 -7.16 -10.07 0.58
N GLN A 60 -6.74 -9.99 1.83
CA GLN A 60 -6.64 -8.71 2.49
C GLN A 60 -5.19 -8.38 2.82
N ALA A 61 -4.82 -7.14 2.61
CA ALA A 61 -3.47 -6.67 2.88
C ALA A 61 -3.33 -6.34 4.35
N GLN A 62 -2.57 -7.14 5.05
CA GLN A 62 -2.27 -6.90 6.46
C GLN A 62 -0.89 -6.30 6.57
N GLN A 63 -0.67 -5.52 7.61
CA GLN A 63 0.64 -4.89 7.83
C GLN A 63 1.08 -4.16 6.56
N VAL A 64 0.29 -3.20 6.14
CA VAL A 64 0.51 -2.51 4.88
C VAL A 64 1.45 -1.32 5.07
N HIS A 65 2.70 -1.52 4.71
CA HIS A 65 3.71 -0.48 4.85
C HIS A 65 3.91 0.19 3.49
N ALA A 66 3.76 1.50 3.45
CA ALA A 66 3.92 2.23 2.21
C ALA A 66 5.38 2.31 1.83
N LEU A 67 5.70 1.82 0.64
CA LEU A 67 7.07 1.81 0.14
C LEU A 67 7.37 3.11 -0.57
N GLY A 68 6.34 3.68 -1.17
CA GLY A 68 6.50 4.92 -1.90
C GLY A 68 6.80 4.68 -3.35
N GLY A 69 8.08 4.64 -3.68
CA GLY A 69 8.50 4.45 -5.06
C GLY A 69 9.11 5.70 -5.63
N GLU A 70 8.31 6.49 -6.32
CA GLU A 70 8.76 7.77 -6.85
C GLU A 70 8.99 8.74 -5.69
N ASN A 71 10.24 8.89 -5.30
CA ASN A 71 10.59 9.72 -4.16
C ASN A 71 11.33 10.98 -4.59
N LEU A 72 11.22 11.30 -5.88
CA LEU A 72 11.90 12.47 -6.43
C LEU A 72 10.93 13.64 -6.55
N TYR A 73 10.32 13.98 -5.44
CA TYR A 73 9.40 15.11 -5.38
C TYR A 73 10.06 16.31 -4.74
N PHE A 74 9.64 17.51 -5.15
CA PHE A 74 10.16 18.76 -4.60
C PHE A 74 11.65 18.93 -4.91
N GLN A 75 12.08 18.37 -6.03
CA GLN A 75 13.46 18.53 -6.47
C GLN A 75 13.52 19.20 -7.84
N GLY A 76 12.35 19.43 -8.41
CA GLY A 76 12.29 20.06 -9.71
C GLY A 76 11.18 21.10 -9.79
N HIS A 77 10.55 21.18 -10.96
CA HIS A 77 9.46 22.13 -11.24
C HIS A 77 9.97 23.56 -11.35
N HIS A 78 10.61 24.05 -10.30
CA HIS A 78 11.06 25.43 -10.24
C HIS A 78 12.57 25.50 -10.02
N HIS A 79 13.30 25.81 -11.09
CA HIS A 79 14.75 25.98 -11.04
C HIS A 79 15.47 24.71 -10.59
N HIS A 80 15.57 23.74 -11.49
CA HIS A 80 16.38 22.55 -11.24
C HIS A 80 17.82 22.85 -11.68
N HIS A 81 18.37 23.90 -11.08
CA HIS A 81 19.67 24.41 -11.46
C HIS A 81 20.07 25.52 -10.49
N HIS A 82 21.32 25.52 -10.06
CA HIS A 82 21.82 26.59 -9.21
C HIS A 82 22.37 27.72 -10.08
N MET A 1 5.32 -12.02 2.74
CA MET A 1 5.72 -10.62 2.46
C MET A 1 5.59 -10.33 0.98
N ALA A 2 4.60 -9.52 0.63
CA ALA A 2 4.36 -9.18 -0.76
C ALA A 2 4.36 -7.67 -0.93
N GLN A 3 4.93 -7.21 -2.01
CA GLN A 3 4.92 -5.80 -2.32
C GLN A 3 4.01 -5.56 -3.50
N GLY A 4 3.75 -4.31 -3.79
CA GLY A 4 2.90 -4.01 -4.92
C GLY A 4 2.61 -2.53 -5.03
N THR A 5 1.56 -2.22 -5.76
CA THR A 5 1.15 -0.85 -5.96
C THR A 5 -0.33 -0.71 -5.66
N VAL A 6 -0.67 0.11 -4.69
CA VAL A 6 -2.06 0.36 -4.37
C VAL A 6 -2.77 1.01 -5.57
N LYS A 7 -3.64 0.24 -6.19
CA LYS A 7 -4.30 0.67 -7.42
C LYS A 7 -5.33 1.74 -7.13
N TRP A 8 -5.89 1.68 -5.93
CA TRP A 8 -6.77 2.73 -5.44
C TRP A 8 -7.04 2.53 -3.96
N PHE A 9 -7.32 3.63 -3.27
CA PHE A 9 -7.64 3.58 -1.87
C PHE A 9 -8.54 4.75 -1.51
N ASN A 10 -9.70 4.44 -0.95
CA ASN A 10 -10.64 5.49 -0.57
C ASN A 10 -10.59 5.70 0.94
N ALA A 11 -9.91 6.76 1.35
CA ALA A 11 -9.71 7.05 2.76
C ALA A 11 -11.02 7.35 3.46
N GLU A 12 -12.02 7.73 2.68
CA GLU A 12 -13.35 8.00 3.18
C GLU A 12 -13.88 6.78 3.94
N LYS A 13 -13.67 5.61 3.36
CA LYS A 13 -14.14 4.37 3.95
C LYS A 13 -13.01 3.64 4.65
N GLY A 14 -11.79 3.89 4.20
CA GLY A 14 -10.63 3.34 4.86
C GLY A 14 -10.21 2.00 4.28
N PHE A 15 -10.48 1.78 3.01
CA PHE A 15 -10.06 0.55 2.37
C PHE A 15 -9.63 0.82 0.93
N GLY A 16 -9.21 -0.22 0.23
CA GLY A 16 -8.79 -0.08 -1.13
C GLY A 16 -8.25 -1.38 -1.68
N PHE A 17 -7.54 -1.32 -2.79
CA PHE A 17 -6.97 -2.51 -3.39
C PHE A 17 -5.55 -2.24 -3.87
N ILE A 18 -4.72 -3.25 -3.76
CA ILE A 18 -3.35 -3.18 -4.24
C ILE A 18 -3.15 -4.14 -5.39
N ALA A 19 -2.34 -3.74 -6.35
CA ALA A 19 -1.89 -4.63 -7.41
C ALA A 19 -0.51 -5.16 -7.06
N PRO A 20 -0.46 -6.30 -6.37
CA PRO A 20 0.79 -6.88 -5.88
C PRO A 20 1.81 -7.17 -6.96
N ASP A 21 3.06 -7.16 -6.56
CA ASP A 21 4.16 -7.64 -7.38
C ASP A 21 4.12 -9.16 -7.43
N ASP A 22 3.30 -9.71 -6.54
CA ASP A 22 3.11 -11.15 -6.41
C ASP A 22 2.17 -11.69 -7.49
N GLY A 23 2.11 -10.98 -8.62
CA GLY A 23 1.25 -11.39 -9.72
C GLY A 23 -0.03 -10.59 -9.81
N SER A 24 0.01 -9.40 -9.24
CA SER A 24 -1.06 -8.40 -9.33
C SER A 24 -2.45 -8.97 -9.03
N ALA A 25 -2.51 -9.88 -8.06
CA ALA A 25 -3.79 -10.35 -7.56
C ALA A 25 -4.34 -9.33 -6.59
N ASP A 26 -5.24 -8.49 -7.09
CA ASP A 26 -5.74 -7.34 -6.34
C ASP A 26 -6.17 -7.71 -4.93
N VAL A 27 -5.39 -7.23 -3.98
CA VAL A 27 -5.58 -7.54 -2.58
C VAL A 27 -6.32 -6.41 -1.87
N PHE A 28 -7.22 -6.78 -0.98
CA PHE A 28 -8.06 -5.83 -0.27
C PHE A 28 -7.28 -5.18 0.87
N VAL A 29 -7.22 -3.87 0.86
CA VAL A 29 -6.51 -3.14 1.90
C VAL A 29 -7.50 -2.60 2.92
N HIS A 30 -7.06 -2.54 4.16
CA HIS A 30 -7.88 -2.00 5.23
C HIS A 30 -7.00 -1.14 6.14
N TYR A 31 -7.46 0.09 6.41
CA TYR A 31 -6.66 1.09 7.10
C TYR A 31 -6.19 0.63 8.48
N SER A 32 -6.90 -0.30 9.09
CA SER A 32 -6.54 -0.83 10.39
C SER A 32 -5.27 -1.67 10.30
N GLU A 33 -4.98 -2.17 9.10
CA GLU A 33 -3.81 -3.00 8.87
C GLU A 33 -2.67 -2.16 8.29
N ILE A 34 -2.99 -0.92 7.92
CA ILE A 34 -2.00 -0.04 7.32
C ILE A 34 -1.03 0.49 8.36
N GLN A 35 0.24 0.42 8.02
CA GLN A 35 1.31 0.89 8.88
C GLN A 35 1.92 2.14 8.29
N GLY A 36 1.32 3.28 8.60
CA GLY A 36 1.74 4.53 8.01
C GLY A 36 2.61 5.34 8.96
N ASN A 37 2.75 6.62 8.65
CA ASN A 37 3.54 7.53 9.46
C ASN A 37 2.65 8.66 9.96
N GLY A 38 1.45 8.31 10.40
CA GLY A 38 0.49 9.30 10.83
C GLY A 38 -0.80 9.21 10.06
N PHE A 39 -0.71 8.77 8.81
CA PHE A 39 -1.87 8.56 7.98
C PHE A 39 -1.99 7.09 7.61
N ARG A 40 -3.06 6.46 8.03
CA ARG A 40 -3.35 5.08 7.64
C ARG A 40 -4.06 5.07 6.30
N THR A 41 -3.50 5.80 5.36
CA THR A 41 -4.10 5.94 4.05
C THR A 41 -3.06 5.65 2.97
N LEU A 42 -3.53 5.18 1.83
CA LEU A 42 -2.67 4.89 0.71
C LEU A 42 -3.01 5.77 -0.47
N GLU A 43 -1.99 6.12 -1.25
CA GLU A 43 -2.17 6.95 -2.42
C GLU A 43 -2.33 6.07 -3.65
N GLU A 44 -3.21 6.46 -4.54
CA GLU A 44 -3.46 5.70 -5.74
C GLU A 44 -2.21 5.69 -6.62
N ASN A 45 -1.79 4.49 -7.02
CA ASN A 45 -0.60 4.28 -7.83
C ASN A 45 0.65 4.51 -7.01
N GLN A 46 0.57 4.16 -5.74
CA GLN A 46 1.71 4.27 -4.84
C GLN A 46 2.25 2.87 -4.52
N LYS A 47 3.56 2.75 -4.45
CA LYS A 47 4.19 1.50 -4.06
C LYS A 47 3.94 1.21 -2.60
N VAL A 48 3.83 -0.07 -2.28
CA VAL A 48 3.46 -0.49 -0.95
C VAL A 48 3.97 -1.91 -0.65
N GLU A 49 4.21 -2.19 0.62
CA GLU A 49 4.63 -3.51 1.06
C GLU A 49 3.68 -4.02 2.12
N PHE A 50 3.27 -5.28 2.01
CA PHE A 50 2.22 -5.82 2.86
C PHE A 50 2.36 -7.34 3.01
N GLU A 51 1.49 -7.91 3.82
CA GLU A 51 1.40 -9.35 3.95
C GLU A 51 -0.01 -9.79 3.59
N ILE A 52 -0.13 -10.65 2.60
CA ILE A 52 -1.44 -11.06 2.12
C ILE A 52 -2.07 -12.11 3.03
N GLY A 53 -3.22 -11.77 3.57
CA GLY A 53 -3.97 -12.69 4.38
C GLY A 53 -5.35 -12.91 3.80
N GLU A 54 -6.29 -13.28 4.65
CA GLU A 54 -7.65 -13.55 4.21
C GLU A 54 -8.63 -12.59 4.85
N GLY A 55 -9.45 -11.96 4.02
CA GLY A 55 -10.46 -11.06 4.52
C GLY A 55 -11.85 -11.59 4.29
N ALA A 56 -12.84 -10.71 4.35
CA ALA A 56 -14.22 -11.11 4.19
C ALA A 56 -14.54 -11.41 2.72
N LYS A 57 -13.95 -10.64 1.82
CA LYS A 57 -14.22 -10.79 0.40
C LYS A 57 -12.92 -10.89 -0.40
N GLY A 58 -12.09 -11.85 -0.02
CA GLY A 58 -10.86 -12.08 -0.74
C GLY A 58 -9.64 -11.89 0.14
N PRO A 59 -8.44 -11.86 -0.45
CA PRO A 59 -7.21 -11.64 0.30
C PRO A 59 -7.11 -10.22 0.84
N GLN A 60 -6.48 -10.07 1.99
CA GLN A 60 -6.34 -8.76 2.61
C GLN A 60 -4.88 -8.41 2.80
N ALA A 61 -4.58 -7.13 2.67
CA ALA A 61 -3.24 -6.64 2.90
C ALA A 61 -3.05 -6.33 4.37
N GLN A 62 -2.15 -7.06 5.01
CA GLN A 62 -1.86 -6.87 6.42
C GLN A 62 -0.52 -6.19 6.59
N GLN A 63 -0.37 -5.42 7.65
CA GLN A 63 0.88 -4.72 7.95
C GLN A 63 1.33 -3.92 6.74
N VAL A 64 0.43 -3.12 6.22
CA VAL A 64 0.62 -2.44 4.96
C VAL A 64 1.51 -1.21 5.12
N HIS A 65 2.78 -1.35 4.76
CA HIS A 65 3.72 -0.25 4.81
C HIS A 65 3.83 0.40 3.45
N ALA A 66 3.55 1.69 3.39
CA ALA A 66 3.62 2.42 2.14
C ALA A 66 5.06 2.70 1.76
N LEU A 67 5.40 2.40 0.53
CA LEU A 67 6.78 2.52 0.06
C LEU A 67 7.02 3.91 -0.51
N GLY A 68 7.59 4.78 0.31
CA GLY A 68 7.92 6.13 -0.13
C GLY A 68 9.39 6.26 -0.45
N GLY A 69 9.94 5.21 -1.04
CA GLY A 69 11.35 5.20 -1.39
C GLY A 69 11.86 3.78 -1.50
N GLU A 70 13.18 3.61 -1.42
CA GLU A 70 13.83 2.29 -1.45
C GLU A 70 13.79 1.67 -2.85
N ASN A 71 12.59 1.55 -3.41
CA ASN A 71 12.39 0.95 -4.72
C ASN A 71 12.79 1.91 -5.83
N LEU A 72 14.06 2.32 -5.82
CA LEU A 72 14.60 3.17 -6.85
C LEU A 72 15.87 2.52 -7.41
N TYR A 73 15.93 1.20 -7.31
CA TYR A 73 17.08 0.44 -7.76
C TYR A 73 16.79 -0.25 -9.09
N PHE A 74 17.60 0.06 -10.10
CA PHE A 74 17.45 -0.55 -11.42
C PHE A 74 18.68 -0.26 -12.26
N GLN A 75 19.15 0.98 -12.21
CA GLN A 75 20.35 1.39 -12.94
C GLN A 75 21.53 1.47 -11.99
N GLY A 76 22.46 0.56 -12.16
CA GLY A 76 23.56 0.45 -11.23
C GLY A 76 23.33 -0.69 -10.27
N HIS A 77 24.41 -1.25 -9.75
CA HIS A 77 24.30 -2.40 -8.85
C HIS A 77 24.55 -1.98 -7.41
N HIS A 78 23.52 -2.03 -6.59
CA HIS A 78 23.67 -1.78 -5.16
C HIS A 78 24.49 -2.89 -4.53
N HIS A 79 24.51 -4.03 -5.21
CA HIS A 79 25.43 -5.11 -4.89
C HIS A 79 26.72 -4.87 -5.66
N HIS A 80 27.59 -4.06 -5.08
CA HIS A 80 28.79 -3.60 -5.76
C HIS A 80 29.75 -4.75 -6.04
N HIS A 81 30.20 -4.83 -7.28
CA HIS A 81 31.09 -5.89 -7.71
C HIS A 81 32.09 -5.36 -8.74
N HIS A 82 33.34 -5.25 -8.35
CA HIS A 82 34.39 -4.78 -9.24
C HIS A 82 34.94 -5.93 -10.07
N MET A 1 5.13 -12.15 3.38
CA MET A 1 4.68 -10.83 2.90
C MET A 1 5.05 -10.63 1.44
N ALA A 2 4.25 -9.82 0.76
CA ALA A 2 4.44 -9.56 -0.65
C ALA A 2 4.44 -8.06 -0.89
N GLN A 3 4.86 -7.66 -2.07
CA GLN A 3 4.84 -6.26 -2.44
C GLN A 3 3.88 -6.05 -3.59
N GLY A 4 3.62 -4.80 -3.91
CA GLY A 4 2.73 -4.49 -5.00
C GLY A 4 2.54 -3.01 -5.18
N THR A 5 1.47 -2.65 -5.85
CA THR A 5 1.14 -1.26 -6.08
C THR A 5 -0.33 -1.03 -5.79
N VAL A 6 -0.62 -0.11 -4.88
CA VAL A 6 -1.99 0.23 -4.57
C VAL A 6 -2.64 0.91 -5.76
N LYS A 7 -3.59 0.21 -6.36
CA LYS A 7 -4.25 0.69 -7.56
C LYS A 7 -5.18 1.84 -7.23
N TRP A 8 -5.72 1.81 -6.02
CA TRP A 8 -6.52 2.90 -5.49
C TRP A 8 -6.80 2.65 -4.02
N PHE A 9 -6.94 3.72 -3.27
CA PHE A 9 -7.24 3.61 -1.86
C PHE A 9 -8.21 4.71 -1.44
N ASN A 10 -9.34 4.29 -0.91
CA ASN A 10 -10.34 5.21 -0.43
C ASN A 10 -10.08 5.50 1.04
N ALA A 11 -9.40 6.60 1.31
CA ALA A 11 -8.99 6.96 2.66
C ALA A 11 -10.19 7.41 3.49
N GLU A 12 -11.24 7.84 2.81
CA GLU A 12 -12.46 8.27 3.50
C GLU A 12 -13.11 7.08 4.17
N LYS A 13 -13.27 6.01 3.41
CA LYS A 13 -13.90 4.80 3.90
C LYS A 13 -12.89 3.94 4.63
N GLY A 14 -11.63 4.07 4.23
CA GLY A 14 -10.56 3.38 4.91
C GLY A 14 -10.23 2.04 4.29
N PHE A 15 -10.51 1.89 3.00
CA PHE A 15 -10.19 0.64 2.31
C PHE A 15 -9.80 0.90 0.87
N GLY A 16 -9.16 -0.07 0.26
CA GLY A 16 -8.71 0.07 -1.11
C GLY A 16 -8.24 -1.25 -1.68
N PHE A 17 -7.52 -1.20 -2.78
CA PHE A 17 -7.01 -2.42 -3.40
C PHE A 17 -5.58 -2.23 -3.87
N ILE A 18 -4.80 -3.26 -3.68
CA ILE A 18 -3.43 -3.28 -4.17
C ILE A 18 -3.29 -4.31 -5.26
N ALA A 19 -2.49 -4.00 -6.26
CA ALA A 19 -2.13 -4.96 -7.28
C ALA A 19 -0.75 -5.52 -6.98
N PRO A 20 -0.70 -6.65 -6.24
CA PRO A 20 0.55 -7.28 -5.83
C PRO A 20 1.50 -7.55 -7.00
N ASP A 21 2.78 -7.49 -6.69
CA ASP A 21 3.84 -7.74 -7.66
C ASP A 21 3.95 -9.23 -7.94
N ASP A 22 3.25 -10.02 -7.13
CA ASP A 22 3.23 -11.48 -7.25
C ASP A 22 2.20 -11.92 -8.29
N GLY A 23 1.87 -11.03 -9.21
CA GLY A 23 0.93 -11.36 -10.28
C GLY A 23 -0.46 -10.81 -10.04
N SER A 24 -0.53 -9.79 -9.20
CA SER A 24 -1.76 -9.05 -8.89
C SER A 24 -2.94 -9.96 -8.55
N ALA A 25 -3.04 -10.35 -7.28
CA ALA A 25 -4.23 -11.04 -6.79
C ALA A 25 -5.34 -10.03 -6.50
N ASP A 26 -4.97 -8.76 -6.61
CA ASP A 26 -5.85 -7.64 -6.31
C ASP A 26 -6.32 -7.73 -4.86
N VAL A 27 -5.40 -7.43 -3.96
CA VAL A 27 -5.61 -7.63 -2.55
C VAL A 27 -6.35 -6.44 -1.92
N PHE A 28 -7.27 -6.75 -1.01
CA PHE A 28 -8.09 -5.76 -0.35
C PHE A 28 -7.31 -5.11 0.79
N VAL A 29 -7.28 -3.78 0.81
CA VAL A 29 -6.54 -3.07 1.84
C VAL A 29 -7.50 -2.47 2.85
N HIS A 30 -7.07 -2.40 4.09
CA HIS A 30 -7.85 -1.77 5.15
C HIS A 30 -6.94 -0.91 6.00
N TYR A 31 -7.37 0.33 6.21
CA TYR A 31 -6.53 1.38 6.82
C TYR A 31 -6.00 0.97 8.20
N SER A 32 -6.77 0.17 8.93
CA SER A 32 -6.37 -0.24 10.27
C SER A 32 -5.13 -1.14 10.22
N GLU A 33 -4.88 -1.72 9.06
CA GLU A 33 -3.76 -2.63 8.88
C GLU A 33 -2.57 -1.92 8.26
N ILE A 34 -2.78 -0.68 7.82
CA ILE A 34 -1.73 0.08 7.18
C ILE A 34 -0.71 0.58 8.19
N GLN A 35 0.55 0.40 7.85
CA GLN A 35 1.64 0.79 8.70
C GLN A 35 2.39 1.95 8.06
N GLY A 36 2.12 3.16 8.53
CA GLY A 36 2.72 4.32 7.94
C GLY A 36 3.29 5.28 8.97
N ASN A 37 3.78 6.41 8.49
CA ASN A 37 4.39 7.42 9.34
C ASN A 37 3.34 8.28 10.06
N GLY A 38 2.31 7.63 10.56
CA GLY A 38 1.22 8.35 11.19
C GLY A 38 0.02 8.46 10.28
N PHE A 39 0.22 8.13 9.01
CA PHE A 39 -0.85 8.14 8.03
C PHE A 39 -1.15 6.73 7.57
N ARG A 40 -2.29 6.21 7.97
CA ARG A 40 -2.73 4.90 7.54
C ARG A 40 -3.49 5.01 6.23
N THR A 41 -2.83 5.60 5.25
CA THR A 41 -3.42 5.82 3.95
C THR A 41 -2.48 5.38 2.85
N LEU A 42 -3.03 5.10 1.69
CA LEU A 42 -2.24 4.71 0.54
C LEU A 42 -2.58 5.60 -0.64
N GLU A 43 -1.57 5.95 -1.43
CA GLU A 43 -1.76 6.81 -2.58
C GLU A 43 -1.95 5.96 -3.83
N GLU A 44 -2.70 6.48 -4.77
CA GLU A 44 -3.01 5.77 -5.99
C GLU A 44 -1.77 5.61 -6.85
N ASN A 45 -1.46 4.36 -7.22
CA ASN A 45 -0.29 4.01 -8.01
C ASN A 45 0.98 4.18 -7.19
N GLN A 46 0.85 3.94 -5.89
CA GLN A 46 1.99 3.96 -4.99
C GLN A 46 2.45 2.53 -4.72
N LYS A 47 3.75 2.36 -4.56
CA LYS A 47 4.29 1.05 -4.23
C LYS A 47 4.02 0.75 -2.77
N VAL A 48 3.88 -0.52 -2.45
CA VAL A 48 3.50 -0.92 -1.12
C VAL A 48 3.95 -2.35 -0.83
N GLU A 49 4.17 -2.62 0.44
CA GLU A 49 4.54 -3.95 0.90
C GLU A 49 3.55 -4.39 1.97
N PHE A 50 3.11 -5.63 1.93
CA PHE A 50 2.01 -6.05 2.78
C PHE A 50 2.04 -7.56 3.02
N GLU A 51 1.34 -7.99 4.05
CA GLU A 51 1.18 -9.40 4.35
C GLU A 51 -0.23 -9.83 3.99
N ILE A 52 -0.35 -10.72 3.03
CA ILE A 52 -1.65 -11.13 2.54
C ILE A 52 -2.34 -12.11 3.48
N GLY A 53 -3.49 -11.69 3.97
CA GLY A 53 -4.32 -12.57 4.77
C GLY A 53 -5.63 -12.84 4.07
N GLU A 54 -6.62 -13.30 4.82
CA GLU A 54 -7.92 -13.61 4.24
C GLU A 54 -8.96 -12.60 4.72
N GLY A 55 -9.68 -12.02 3.78
CA GLY A 55 -10.64 -10.99 4.10
C GLY A 55 -12.07 -11.44 3.93
N ALA A 56 -12.97 -10.48 3.79
CA ALA A 56 -14.39 -10.76 3.66
C ALA A 56 -14.71 -11.43 2.32
N LYS A 57 -14.17 -10.87 1.24
CA LYS A 57 -14.42 -11.40 -0.09
C LYS A 57 -13.13 -11.49 -0.89
N GLY A 58 -12.08 -11.94 -0.24
CA GLY A 58 -10.80 -12.08 -0.89
C GLY A 58 -9.67 -11.71 0.03
N PRO A 59 -8.41 -11.98 -0.37
CA PRO A 59 -7.23 -11.68 0.43
C PRO A 59 -7.17 -10.23 0.88
N GLN A 60 -6.65 -10.01 2.07
CA GLN A 60 -6.54 -8.68 2.62
C GLN A 60 -5.09 -8.34 2.95
N ALA A 61 -4.72 -7.10 2.69
CA ALA A 61 -3.38 -6.63 2.97
C ALA A 61 -3.25 -6.26 4.44
N GLN A 62 -2.38 -6.96 5.14
CA GLN A 62 -2.13 -6.70 6.54
C GLN A 62 -0.73 -6.16 6.72
N GLN A 63 -0.53 -5.36 7.77
CA GLN A 63 0.78 -4.75 8.04
C GLN A 63 1.28 -4.03 6.79
N VAL A 64 0.40 -3.23 6.21
CA VAL A 64 0.64 -2.62 4.91
C VAL A 64 1.67 -1.51 5.02
N HIS A 65 2.90 -1.83 4.66
CA HIS A 65 4.00 -0.88 4.68
C HIS A 65 3.95 -0.06 3.40
N ALA A 66 3.60 1.20 3.53
CA ALA A 66 3.53 2.08 2.37
C ALA A 66 4.94 2.43 1.88
N LEU A 67 5.27 1.97 0.69
CA LEU A 67 6.59 2.19 0.13
C LEU A 67 6.66 3.55 -0.54
N GLY A 68 6.37 4.59 0.24
CA GLY A 68 6.38 5.93 -0.27
C GLY A 68 7.52 6.75 0.29
N GLY A 69 7.98 7.71 -0.49
CA GLY A 69 9.06 8.58 -0.05
C GLY A 69 9.16 9.81 -0.94
N GLU A 70 9.45 9.58 -2.21
CA GLU A 70 9.60 10.64 -3.19
C GLU A 70 10.61 11.68 -2.71
N ASN A 71 11.90 11.31 -2.79
CA ASN A 71 13.00 12.11 -2.26
C ASN A 71 13.04 12.04 -0.74
N LEU A 72 11.96 12.52 -0.12
CA LEU A 72 11.80 12.49 1.34
C LEU A 72 12.79 13.42 2.03
N TYR A 73 14.05 12.98 2.11
CA TYR A 73 15.08 13.78 2.73
C TYR A 73 15.95 14.41 1.66
N PHE A 74 15.43 15.47 1.06
CA PHE A 74 16.14 16.22 0.04
C PHE A 74 15.47 17.56 -0.15
N GLN A 75 16.26 18.62 -0.16
CA GLN A 75 15.73 19.96 -0.35
C GLN A 75 16.16 20.50 -1.71
N GLY A 76 15.31 20.27 -2.71
CA GLY A 76 15.59 20.77 -4.03
C GLY A 76 15.27 22.24 -4.16
N HIS A 77 15.97 23.06 -3.39
CA HIS A 77 15.74 24.48 -3.36
C HIS A 77 17.07 25.21 -3.49
N HIS A 78 17.10 26.22 -4.34
CA HIS A 78 18.33 26.97 -4.58
C HIS A 78 18.71 27.76 -3.34
N HIS A 79 19.91 27.49 -2.83
CA HIS A 79 20.36 28.05 -1.55
C HIS A 79 20.89 29.47 -1.72
N HIS A 80 20.20 30.24 -2.54
CA HIS A 80 20.51 31.64 -2.76
C HIS A 80 19.32 32.28 -3.45
N HIS A 81 18.14 32.00 -2.91
CA HIS A 81 16.90 32.47 -3.50
C HIS A 81 15.83 32.61 -2.44
N HIS A 82 15.72 31.60 -1.59
CA HIS A 82 14.67 31.53 -0.57
C HIS A 82 13.29 31.61 -1.23
N MET A 1 6.28 -9.71 3.57
CA MET A 1 5.83 -10.92 2.84
C MET A 1 5.59 -10.60 1.37
N ALA A 2 4.67 -9.67 1.11
CA ALA A 2 4.33 -9.30 -0.24
C ALA A 2 4.51 -7.81 -0.46
N GLN A 3 4.50 -7.42 -1.72
CA GLN A 3 4.59 -6.02 -2.08
C GLN A 3 3.72 -5.76 -3.29
N GLY A 4 3.55 -4.50 -3.64
CA GLY A 4 2.77 -4.16 -4.80
C GLY A 4 2.62 -2.68 -4.97
N THR A 5 1.58 -2.29 -5.69
CA THR A 5 1.24 -0.90 -5.88
C THR A 5 -0.24 -0.71 -5.62
N VAL A 6 -0.56 0.17 -4.67
CA VAL A 6 -1.96 0.41 -4.34
C VAL A 6 -2.70 0.99 -5.53
N LYS A 7 -3.63 0.21 -6.04
CA LYS A 7 -4.41 0.54 -7.21
C LYS A 7 -5.28 1.75 -6.92
N TRP A 8 -5.89 1.72 -5.75
CA TRP A 8 -6.70 2.82 -5.27
C TRP A 8 -6.98 2.62 -3.79
N PHE A 9 -7.18 3.70 -3.08
CA PHE A 9 -7.49 3.62 -1.67
C PHE A 9 -8.46 4.72 -1.27
N ASN A 10 -9.56 4.33 -0.67
CA ASN A 10 -10.55 5.27 -0.19
C ASN A 10 -10.37 5.49 1.31
N ALA A 11 -9.77 6.61 1.67
CA ALA A 11 -9.46 6.92 3.06
C ALA A 11 -10.73 7.25 3.85
N GLU A 12 -11.77 7.64 3.14
CA GLU A 12 -13.04 8.00 3.78
C GLU A 12 -13.70 6.75 4.33
N LYS A 13 -13.61 5.68 3.57
CA LYS A 13 -14.22 4.42 3.94
C LYS A 13 -13.21 3.55 4.67
N GLY A 14 -11.95 3.73 4.33
CA GLY A 14 -10.89 3.03 5.02
C GLY A 14 -10.49 1.74 4.34
N PHE A 15 -10.77 1.62 3.05
CA PHE A 15 -10.40 0.42 2.31
C PHE A 15 -10.03 0.74 0.87
N GLY A 16 -9.40 -0.21 0.22
CA GLY A 16 -8.98 -0.04 -1.16
C GLY A 16 -8.45 -1.32 -1.73
N PHE A 17 -7.73 -1.24 -2.85
CA PHE A 17 -7.14 -2.42 -3.47
C PHE A 17 -5.71 -2.14 -3.91
N ILE A 18 -4.85 -3.12 -3.70
CA ILE A 18 -3.48 -3.04 -4.14
C ILE A 18 -3.25 -4.04 -5.27
N ALA A 19 -2.38 -3.67 -6.20
CA ALA A 19 -1.94 -4.59 -7.22
C ALA A 19 -0.58 -5.17 -6.83
N PRO A 20 -0.60 -6.34 -6.18
CA PRO A 20 0.62 -7.00 -5.69
C PRO A 20 1.64 -7.29 -6.79
N ASP A 21 2.90 -7.18 -6.42
CA ASP A 21 4.01 -7.54 -7.30
C ASP A 21 4.15 -9.05 -7.37
N ASP A 22 3.44 -9.72 -6.46
CA ASP A 22 3.47 -11.18 -6.36
C ASP A 22 2.58 -11.83 -7.43
N GLY A 23 2.38 -11.13 -8.53
CA GLY A 23 1.56 -11.65 -9.60
C GLY A 23 0.18 -11.03 -9.63
N SER A 24 0.04 -9.92 -8.90
CA SER A 24 -1.18 -9.11 -8.89
C SER A 24 -2.46 -9.95 -8.77
N ALA A 25 -2.85 -10.26 -7.54
CA ALA A 25 -4.08 -11.00 -7.29
C ALA A 25 -5.20 -10.07 -6.84
N ASP A 26 -4.92 -8.77 -6.87
CA ASP A 26 -5.84 -7.74 -6.37
C ASP A 26 -6.14 -7.95 -4.90
N VAL A 27 -5.33 -7.36 -4.06
CA VAL A 27 -5.45 -7.54 -2.63
C VAL A 27 -6.26 -6.40 -1.99
N PHE A 28 -7.17 -6.78 -1.11
CA PHE A 28 -8.04 -5.82 -0.46
C PHE A 28 -7.36 -5.16 0.73
N VAL A 29 -7.34 -3.84 0.75
CA VAL A 29 -6.67 -3.10 1.80
C VAL A 29 -7.66 -2.62 2.85
N HIS A 30 -7.23 -2.59 4.10
CA HIS A 30 -8.03 -2.07 5.18
C HIS A 30 -7.15 -1.18 6.06
N TYR A 31 -7.61 0.05 6.28
CA TYR A 31 -6.82 1.10 6.93
C TYR A 31 -6.26 0.67 8.29
N SER A 32 -6.97 -0.19 8.99
CA SER A 32 -6.55 -0.63 10.31
C SER A 32 -5.28 -1.47 10.23
N GLU A 33 -5.04 -2.05 9.08
CA GLU A 33 -3.87 -2.88 8.88
C GLU A 33 -2.71 -2.07 8.31
N ILE A 34 -3.00 -0.83 7.93
CA ILE A 34 -1.99 0.03 7.37
C ILE A 34 -1.02 0.51 8.44
N GLN A 35 0.26 0.34 8.15
CA GLN A 35 1.33 0.78 9.03
C GLN A 35 1.99 2.00 8.41
N GLY A 36 1.42 3.16 8.69
CA GLY A 36 1.85 4.37 8.00
C GLY A 36 2.87 5.16 8.79
N ASN A 37 3.04 6.41 8.39
CA ASN A 37 4.01 7.30 9.01
C ASN A 37 3.29 8.44 9.74
N GLY A 38 2.22 8.08 10.43
CA GLY A 38 1.41 9.08 11.10
C GLY A 38 -0.03 9.03 10.63
N PHE A 39 -0.20 8.55 9.40
CA PHE A 39 -1.52 8.36 8.82
C PHE A 39 -1.66 6.93 8.29
N ARG A 40 -2.83 6.35 8.48
CA ARG A 40 -3.10 5.02 7.96
C ARG A 40 -3.83 5.14 6.63
N THR A 41 -3.15 5.75 5.67
CA THR A 41 -3.72 5.99 4.36
C THR A 41 -2.73 5.68 3.26
N LEU A 42 -3.26 5.40 2.07
CA LEU A 42 -2.43 5.11 0.92
C LEU A 42 -2.77 6.04 -0.22
N GLU A 43 -1.84 6.22 -1.14
CA GLU A 43 -2.03 7.06 -2.30
C GLU A 43 -2.14 6.20 -3.54
N GLU A 44 -3.05 6.59 -4.41
CA GLU A 44 -3.32 5.81 -5.61
C GLU A 44 -2.09 5.78 -6.51
N ASN A 45 -1.75 4.58 -6.97
CA ASN A 45 -0.60 4.34 -7.84
C ASN A 45 0.70 4.47 -7.07
N GLN A 46 0.64 4.21 -5.78
CA GLN A 46 1.82 4.27 -4.93
C GLN A 46 2.33 2.88 -4.62
N LYS A 47 3.65 2.74 -4.62
CA LYS A 47 4.28 1.49 -4.24
C LYS A 47 3.98 1.19 -2.78
N VAL A 48 3.78 -0.06 -2.46
CA VAL A 48 3.36 -0.43 -1.12
C VAL A 48 3.82 -1.84 -0.77
N GLU A 49 4.01 -2.09 0.51
CA GLU A 49 4.37 -3.40 1.01
C GLU A 49 3.30 -3.86 1.99
N PHE A 50 3.06 -5.16 2.05
CA PHE A 50 1.99 -5.69 2.87
C PHE A 50 2.14 -7.19 3.08
N GLU A 51 1.26 -7.74 3.88
CA GLU A 51 1.21 -9.16 4.10
C GLU A 51 -0.16 -9.69 3.74
N ILE A 52 -0.22 -10.53 2.73
CA ILE A 52 -1.50 -11.02 2.24
C ILE A 52 -2.09 -12.04 3.19
N GLY A 53 -3.32 -11.79 3.58
CA GLY A 53 -4.06 -12.73 4.38
C GLY A 53 -5.39 -13.03 3.74
N GLU A 54 -6.38 -13.38 4.56
CA GLU A 54 -7.69 -13.70 4.05
C GLU A 54 -8.69 -12.62 4.43
N GLY A 55 -9.34 -12.06 3.44
CA GLY A 55 -10.35 -11.07 3.69
C GLY A 55 -11.74 -11.65 3.56
N ALA A 56 -12.73 -10.78 3.37
CA ALA A 56 -14.10 -11.22 3.24
C ALA A 56 -14.34 -11.84 1.86
N LYS A 57 -13.74 -11.26 0.84
CA LYS A 57 -13.95 -11.71 -0.53
C LYS A 57 -12.64 -11.80 -1.29
N GLY A 58 -11.61 -12.34 -0.65
CA GLY A 58 -10.34 -12.49 -1.31
C GLY A 58 -9.19 -12.18 -0.38
N PRO A 59 -7.98 -12.01 -0.92
CA PRO A 59 -6.80 -11.69 -0.13
C PRO A 59 -6.88 -10.29 0.49
N GLN A 60 -6.42 -10.16 1.71
CA GLN A 60 -6.41 -8.87 2.37
C GLN A 60 -4.98 -8.43 2.66
N ALA A 61 -4.74 -7.15 2.57
CA ALA A 61 -3.43 -6.59 2.86
C ALA A 61 -3.30 -6.28 4.34
N GLN A 62 -2.45 -7.03 5.02
CA GLN A 62 -2.20 -6.82 6.44
C GLN A 62 -0.85 -6.17 6.62
N GLN A 63 -0.70 -5.36 7.66
CA GLN A 63 0.55 -4.69 7.96
C GLN A 63 1.06 -3.93 6.74
N VAL A 64 0.21 -3.06 6.22
CA VAL A 64 0.46 -2.40 4.95
C VAL A 64 1.39 -1.20 5.13
N HIS A 65 2.62 -1.34 4.66
CA HIS A 65 3.59 -0.26 4.73
C HIS A 65 3.68 0.45 3.39
N ALA A 66 3.63 1.76 3.41
CA ALA A 66 3.67 2.52 2.18
C ALA A 66 5.12 2.68 1.70
N LEU A 67 5.36 2.30 0.47
CA LEU A 67 6.70 2.36 -0.11
C LEU A 67 6.83 3.58 -1.00
N GLY A 68 7.92 3.64 -1.75
CA GLY A 68 8.14 4.74 -2.66
C GLY A 68 9.03 4.35 -3.80
N GLY A 69 9.19 5.25 -4.76
CA GLY A 69 10.05 4.99 -5.89
C GLY A 69 11.51 4.96 -5.50
N GLU A 70 12.31 4.22 -6.24
CA GLU A 70 13.73 4.07 -5.94
C GLU A 70 14.55 5.10 -6.70
N ASN A 71 15.28 5.93 -5.97
CA ASN A 71 16.14 6.93 -6.57
C ASN A 71 17.58 6.72 -6.11
N LEU A 72 18.10 5.54 -6.40
CA LEU A 72 19.49 5.23 -6.10
C LEU A 72 20.38 5.77 -7.21
N TYR A 73 21.02 6.89 -6.93
CA TYR A 73 21.88 7.52 -7.93
C TYR A 73 23.31 7.61 -7.41
N PHE A 74 24.16 6.74 -7.93
CA PHE A 74 25.57 6.77 -7.59
C PHE A 74 26.36 7.42 -8.72
N GLN A 75 26.83 8.63 -8.51
CA GLN A 75 27.63 9.31 -9.51
C GLN A 75 29.07 8.82 -9.42
N GLY A 76 29.55 8.26 -10.51
CA GLY A 76 30.89 7.70 -10.54
C GLY A 76 31.74 8.33 -11.62
N HIS A 77 33.04 8.24 -11.46
CA HIS A 77 33.98 8.83 -12.41
C HIS A 77 34.16 7.94 -13.63
N HIS A 78 33.75 6.68 -13.50
CA HIS A 78 33.82 5.74 -14.61
C HIS A 78 32.53 4.93 -14.68
N HIS A 79 31.41 5.63 -14.66
CA HIS A 79 30.10 4.97 -14.64
C HIS A 79 29.71 4.48 -16.03
N HIS A 80 30.47 3.51 -16.52
CA HIS A 80 30.21 2.86 -17.81
C HIS A 80 30.07 3.89 -18.95
N HIS A 81 31.18 4.46 -19.34
CA HIS A 81 31.20 5.36 -20.49
C HIS A 81 32.34 4.98 -21.44
N HIS A 82 33.34 4.31 -20.90
CA HIS A 82 34.47 3.86 -21.70
C HIS A 82 34.70 2.38 -21.45
N MET A 1 6.24 -11.05 3.52
CA MET A 1 5.35 -9.95 3.09
C MET A 1 5.54 -9.65 1.62
N ALA A 2 4.45 -9.62 0.89
CA ALA A 2 4.48 -9.33 -0.53
C ALA A 2 4.48 -7.83 -0.75
N GLN A 3 4.74 -7.43 -1.97
CA GLN A 3 4.72 -6.03 -2.35
C GLN A 3 3.84 -5.84 -3.55
N GLY A 4 3.59 -4.60 -3.89
CA GLY A 4 2.79 -4.32 -5.06
C GLY A 4 2.53 -2.84 -5.23
N THR A 5 1.46 -2.53 -5.91
CA THR A 5 1.05 -1.17 -6.12
C THR A 5 -0.43 -1.00 -5.79
N VAL A 6 -0.72 -0.18 -4.80
CA VAL A 6 -2.10 0.11 -4.45
C VAL A 6 -2.79 0.79 -5.63
N LYS A 7 -3.73 0.07 -6.23
CA LYS A 7 -4.38 0.52 -7.44
C LYS A 7 -5.26 1.72 -7.14
N TRP A 8 -5.79 1.75 -5.92
CA TRP A 8 -6.55 2.89 -5.42
C TRP A 8 -6.86 2.67 -3.95
N PHE A 9 -7.03 3.75 -3.23
CA PHE A 9 -7.37 3.67 -1.83
C PHE A 9 -8.37 4.75 -1.45
N ASN A 10 -9.48 4.34 -0.88
CA ASN A 10 -10.51 5.26 -0.44
C ASN A 10 -10.17 5.73 0.98
N ALA A 11 -9.56 6.89 1.07
CA ALA A 11 -9.11 7.42 2.35
C ALA A 11 -10.27 7.88 3.23
N GLU A 12 -11.45 7.94 2.64
CA GLU A 12 -12.64 8.35 3.36
C GLU A 12 -13.09 7.24 4.29
N LYS A 13 -13.30 6.07 3.70
CA LYS A 13 -13.79 4.92 4.43
C LYS A 13 -12.63 4.15 5.05
N GLY A 14 -11.49 4.22 4.39
CA GLY A 14 -10.30 3.58 4.90
C GLY A 14 -10.07 2.20 4.32
N PHE A 15 -10.39 2.02 3.05
CA PHE A 15 -10.13 0.75 2.39
C PHE A 15 -9.77 0.98 0.93
N GLY A 16 -9.16 -0.02 0.31
CA GLY A 16 -8.76 0.09 -1.07
C GLY A 16 -8.32 -1.25 -1.63
N PHE A 17 -7.59 -1.21 -2.74
CA PHE A 17 -7.09 -2.44 -3.34
C PHE A 17 -5.67 -2.26 -3.84
N ILE A 18 -4.90 -3.33 -3.78
CA ILE A 18 -3.54 -3.33 -4.28
C ILE A 18 -3.39 -4.34 -5.40
N ALA A 19 -2.55 -4.00 -6.36
CA ALA A 19 -2.13 -4.93 -7.39
C ALA A 19 -0.72 -5.43 -7.04
N PRO A 20 -0.64 -6.56 -6.32
CA PRO A 20 0.64 -7.12 -5.87
C PRO A 20 1.64 -7.32 -7.00
N ASP A 21 2.91 -7.13 -6.66
CA ASP A 21 4.02 -7.40 -7.56
C ASP A 21 4.23 -8.90 -7.64
N ASP A 22 3.57 -9.59 -6.72
CA ASP A 22 3.64 -11.05 -6.59
C ASP A 22 2.74 -11.75 -7.61
N GLY A 23 2.42 -11.04 -8.69
CA GLY A 23 1.55 -11.59 -9.71
C GLY A 23 0.15 -11.03 -9.62
N SER A 24 0.04 -9.85 -9.01
CA SER A 24 -1.20 -9.08 -8.93
C SER A 24 -2.40 -9.91 -8.48
N ALA A 25 -2.31 -10.50 -7.31
CA ALA A 25 -3.47 -11.07 -6.66
C ALA A 25 -4.23 -9.97 -5.95
N ASP A 26 -5.09 -9.29 -6.71
CA ASP A 26 -5.83 -8.11 -6.26
C ASP A 26 -6.25 -8.24 -4.81
N VAL A 27 -5.57 -7.50 -3.96
CA VAL A 27 -5.73 -7.63 -2.53
C VAL A 27 -6.44 -6.42 -1.93
N PHE A 28 -7.32 -6.68 -0.97
CA PHE A 28 -8.11 -5.64 -0.33
C PHE A 28 -7.33 -4.99 0.81
N VAL A 29 -7.28 -3.68 0.82
CA VAL A 29 -6.55 -2.96 1.86
C VAL A 29 -7.51 -2.37 2.87
N HIS A 30 -7.06 -2.30 4.12
CA HIS A 30 -7.86 -1.73 5.18
C HIS A 30 -6.97 -0.88 6.09
N TYR A 31 -7.45 0.33 6.40
CA TYR A 31 -6.66 1.35 7.09
C TYR A 31 -6.09 0.88 8.43
N SER A 32 -6.77 -0.07 9.05
CA SER A 32 -6.35 -0.57 10.36
C SER A 32 -5.06 -1.38 10.24
N GLU A 33 -4.83 -1.92 9.06
CA GLU A 33 -3.66 -2.74 8.80
C GLU A 33 -2.50 -1.89 8.28
N ILE A 34 -2.81 -0.69 7.82
CA ILE A 34 -1.81 0.17 7.21
C ILE A 34 -0.83 0.69 8.26
N GLN A 35 0.45 0.59 7.92
CA GLN A 35 1.52 0.97 8.82
C GLN A 35 2.16 2.28 8.37
N GLY A 36 1.58 3.37 8.80
CA GLY A 36 2.12 4.67 8.48
C GLY A 36 2.63 5.38 9.70
N ASN A 37 3.36 6.48 9.49
CA ASN A 37 3.92 7.25 10.59
C ASN A 37 2.93 8.31 11.08
N GLY A 38 1.69 7.88 11.22
CA GLY A 38 0.63 8.80 11.60
C GLY A 38 -0.51 8.79 10.59
N PHE A 39 -0.26 8.20 9.44
CA PHE A 39 -1.28 8.05 8.41
C PHE A 39 -1.67 6.60 8.24
N ARG A 40 -2.96 6.34 8.17
CA ARG A 40 -3.47 5.02 7.88
C ARG A 40 -4.06 5.01 6.47
N THR A 41 -3.35 5.61 5.56
CA THR A 41 -3.85 5.81 4.21
C THR A 41 -2.84 5.39 3.16
N LEU A 42 -3.31 5.26 1.94
CA LEU A 42 -2.48 4.94 0.79
C LEU A 42 -2.86 5.82 -0.38
N GLU A 43 -1.91 6.04 -1.27
CA GLU A 43 -2.14 6.84 -2.46
C GLU A 43 -2.44 5.93 -3.63
N GLU A 44 -3.06 6.47 -4.65
CA GLU A 44 -3.36 5.70 -5.84
C GLU A 44 -2.08 5.46 -6.63
N ASN A 45 -2.01 4.28 -7.25
CA ASN A 45 -0.85 3.84 -8.03
C ASN A 45 0.45 4.04 -7.25
N GLN A 46 0.38 3.77 -5.96
CA GLN A 46 1.54 3.90 -5.09
C GLN A 46 2.11 2.52 -4.79
N LYS A 47 3.44 2.43 -4.73
CA LYS A 47 4.09 1.19 -4.39
C LYS A 47 3.91 0.91 -2.90
N VAL A 48 3.73 -0.35 -2.56
CA VAL A 48 3.40 -0.71 -1.21
C VAL A 48 3.81 -2.14 -0.89
N GLU A 49 4.08 -2.38 0.39
CA GLU A 49 4.41 -3.69 0.90
C GLU A 49 3.35 -4.12 1.91
N PHE A 50 3.02 -5.40 1.93
CA PHE A 50 1.90 -5.88 2.74
C PHE A 50 1.93 -7.39 2.88
N GLU A 51 1.28 -7.91 3.90
CA GLU A 51 1.11 -9.33 4.04
C GLU A 51 -0.27 -9.72 3.52
N ILE A 52 -0.29 -10.53 2.48
CA ILE A 52 -1.54 -11.00 1.92
C ILE A 52 -2.20 -12.01 2.85
N GLY A 53 -3.24 -11.58 3.52
CA GLY A 53 -4.00 -12.45 4.38
C GLY A 53 -5.33 -12.75 3.78
N GLU A 54 -6.24 -13.26 4.59
CA GLU A 54 -7.55 -13.65 4.10
C GLU A 54 -8.63 -12.73 4.64
N GLY A 55 -9.45 -12.24 3.73
CA GLY A 55 -10.57 -11.41 4.09
C GLY A 55 -11.87 -12.15 3.95
N ALA A 56 -12.96 -11.42 3.86
CA ALA A 56 -14.27 -12.02 3.70
C ALA A 56 -14.52 -12.46 2.26
N LYS A 57 -14.10 -11.63 1.31
CA LYS A 57 -14.38 -11.88 -0.10
C LYS A 57 -13.12 -11.88 -0.94
N GLY A 58 -12.00 -12.21 -0.31
CA GLY A 58 -10.74 -12.24 -1.00
C GLY A 58 -9.59 -11.93 -0.08
N PRO A 59 -8.36 -11.89 -0.59
CA PRO A 59 -7.18 -11.57 0.21
C PRO A 59 -7.21 -10.15 0.76
N GLN A 60 -6.58 -9.95 1.91
CA GLN A 60 -6.52 -8.64 2.53
C GLN A 60 -5.09 -8.27 2.87
N ALA A 61 -4.73 -7.03 2.61
CA ALA A 61 -3.39 -6.54 2.88
C ALA A 61 -3.24 -6.21 4.35
N GLN A 62 -2.43 -6.97 5.04
CA GLN A 62 -2.19 -6.77 6.46
C GLN A 62 -0.80 -6.20 6.67
N GLN A 63 -0.68 -5.31 7.65
CA GLN A 63 0.60 -4.66 7.94
C GLN A 63 1.14 -4.00 6.69
N VAL A 64 0.38 -3.04 6.19
CA VAL A 64 0.65 -2.43 4.90
C VAL A 64 1.64 -1.28 5.02
N HIS A 65 2.83 -1.47 4.50
CA HIS A 65 3.88 -0.46 4.54
C HIS A 65 4.05 0.16 3.17
N ALA A 66 3.87 1.46 3.09
CA ALA A 66 3.99 2.16 1.82
C ALA A 66 5.44 2.19 1.34
N LEU A 67 5.65 1.89 0.07
CA LEU A 67 7.00 1.87 -0.49
C LEU A 67 7.34 3.20 -1.15
N GLY A 68 7.16 4.27 -0.40
CA GLY A 68 7.40 5.60 -0.92
C GLY A 68 8.84 6.05 -0.70
N GLY A 69 9.01 7.07 0.13
CA GLY A 69 10.33 7.60 0.39
C GLY A 69 11.09 6.78 1.42
N GLU A 70 11.59 5.64 0.99
CA GLU A 70 12.41 4.80 1.86
C GLU A 70 13.87 5.23 1.76
N ASN A 71 14.26 5.62 0.56
CA ASN A 71 15.62 6.07 0.30
C ASN A 71 15.65 7.58 0.27
N LEU A 72 16.41 8.18 1.17
CA LEU A 72 16.51 9.63 1.25
C LEU A 72 17.29 10.16 0.06
N TYR A 73 16.60 10.91 -0.80
CA TYR A 73 17.23 11.50 -1.96
C TYR A 73 17.61 12.94 -1.68
N PHE A 74 18.86 13.27 -1.94
CA PHE A 74 19.33 14.64 -1.75
C PHE A 74 19.30 15.39 -3.07
N GLN A 75 18.86 16.65 -3.02
CA GLN A 75 18.77 17.47 -4.21
C GLN A 75 20.17 17.79 -4.73
N GLY A 76 20.47 17.32 -5.94
CA GLY A 76 21.79 17.53 -6.50
C GLY A 76 22.83 16.65 -5.85
N HIS A 77 22.63 15.35 -5.93
CA HIS A 77 23.52 14.40 -5.29
C HIS A 77 23.98 13.34 -6.29
N HIS A 78 24.88 13.73 -7.18
CA HIS A 78 25.35 12.84 -8.22
C HIS A 78 26.57 12.05 -7.77
N HIS A 79 26.36 11.13 -6.84
CA HIS A 79 27.44 10.31 -6.32
C HIS A 79 27.57 9.03 -7.15
N HIS A 80 26.48 8.30 -7.29
CA HIS A 80 26.47 7.09 -8.11
C HIS A 80 25.75 7.34 -9.43
N HIS A 81 25.05 8.45 -9.50
CA HIS A 81 24.33 8.83 -10.71
C HIS A 81 24.89 10.12 -11.27
N HIS A 82 24.34 10.56 -12.39
CA HIS A 82 24.76 11.80 -13.01
C HIS A 82 23.59 12.78 -13.05
N MET A 1 6.85 -11.48 3.13
CA MET A 1 6.59 -10.06 2.79
C MET A 1 6.25 -9.91 1.32
N ALA A 2 5.08 -9.36 1.05
CA ALA A 2 4.64 -9.16 -0.32
C ALA A 2 4.65 -7.69 -0.67
N GLN A 3 4.69 -7.39 -1.96
CA GLN A 3 4.68 -6.02 -2.43
C GLN A 3 3.64 -5.86 -3.50
N GLY A 4 3.36 -4.61 -3.84
CA GLY A 4 2.43 -4.33 -4.89
C GLY A 4 2.25 -2.85 -5.07
N THR A 5 1.30 -2.48 -5.91
CA THR A 5 0.99 -1.09 -6.12
C THR A 5 -0.49 -0.86 -5.83
N VAL A 6 -0.77 -0.02 -4.85
CA VAL A 6 -2.15 0.31 -4.52
C VAL A 6 -2.81 1.00 -5.71
N LYS A 7 -3.73 0.29 -6.34
CA LYS A 7 -4.37 0.79 -7.55
C LYS A 7 -5.35 1.90 -7.21
N TRP A 8 -5.90 1.83 -6.00
CA TRP A 8 -6.73 2.90 -5.48
C TRP A 8 -7.00 2.66 -4.01
N PHE A 9 -7.18 3.73 -3.27
CA PHE A 9 -7.48 3.63 -1.85
C PHE A 9 -8.45 4.72 -1.42
N ASN A 10 -9.48 4.32 -0.73
CA ASN A 10 -10.48 5.24 -0.20
C ASN A 10 -10.26 5.44 1.28
N ALA A 11 -9.68 6.58 1.64
CA ALA A 11 -9.33 6.87 3.02
C ALA A 11 -10.56 7.15 3.87
N GLU A 12 -11.59 7.67 3.24
CA GLU A 12 -12.84 7.99 3.93
C GLU A 12 -13.51 6.73 4.44
N LYS A 13 -13.59 5.73 3.58
CA LYS A 13 -14.20 4.47 3.93
C LYS A 13 -13.18 3.58 4.63
N GLY A 14 -11.92 3.80 4.29
CA GLY A 14 -10.84 3.12 4.96
C GLY A 14 -10.44 1.81 4.31
N PHE A 15 -10.64 1.71 3.01
CA PHE A 15 -10.27 0.49 2.29
C PHE A 15 -9.89 0.81 0.85
N GLY A 16 -9.23 -0.13 0.20
CA GLY A 16 -8.81 0.05 -1.17
C GLY A 16 -8.32 -1.26 -1.77
N PHE A 17 -7.61 -1.18 -2.88
CA PHE A 17 -7.07 -2.36 -3.52
C PHE A 17 -5.64 -2.15 -3.97
N ILE A 18 -4.85 -3.20 -3.85
CA ILE A 18 -3.48 -3.19 -4.32
C ILE A 18 -3.30 -4.24 -5.40
N ALA A 19 -2.44 -3.94 -6.36
CA ALA A 19 -2.04 -4.91 -7.36
C ALA A 19 -0.67 -5.46 -7.01
N PRO A 20 -0.63 -6.57 -6.23
CA PRO A 20 0.62 -7.20 -5.80
C PRO A 20 1.60 -7.47 -6.94
N ASP A 21 2.87 -7.38 -6.63
CA ASP A 21 3.93 -7.60 -7.60
C ASP A 21 4.07 -9.08 -7.92
N ASP A 22 3.43 -9.91 -7.08
CA ASP A 22 3.49 -11.36 -7.21
C ASP A 22 2.47 -11.87 -8.25
N GLY A 23 2.10 -10.99 -9.18
CA GLY A 23 1.16 -11.36 -10.21
C GLY A 23 -0.23 -10.80 -9.95
N SER A 24 -0.29 -9.88 -9.00
CA SER A 24 -1.49 -9.10 -8.69
C SER A 24 -2.75 -9.96 -8.54
N ALA A 25 -2.98 -10.44 -7.33
CA ALA A 25 -4.20 -11.18 -7.02
C ALA A 25 -5.33 -10.23 -6.62
N ASP A 26 -5.07 -8.94 -6.76
CA ASP A 26 -5.99 -7.88 -6.35
C ASP A 26 -6.29 -7.99 -4.86
N VAL A 27 -5.38 -7.48 -4.06
CA VAL A 27 -5.46 -7.63 -2.62
C VAL A 27 -6.24 -6.46 -2.01
N PHE A 28 -7.10 -6.78 -1.07
CA PHE A 28 -7.96 -5.81 -0.42
C PHE A 28 -7.21 -5.11 0.72
N VAL A 29 -7.27 -3.79 0.74
CA VAL A 29 -6.56 -3.03 1.76
C VAL A 29 -7.53 -2.46 2.78
N HIS A 30 -7.07 -2.31 4.01
CA HIS A 30 -7.86 -1.72 5.07
C HIS A 30 -6.97 -0.80 5.91
N TYR A 31 -7.48 0.40 6.17
CA TYR A 31 -6.68 1.49 6.75
C TYR A 31 -6.05 1.13 8.09
N SER A 32 -6.74 0.29 8.87
CA SER A 32 -6.25 -0.09 10.19
C SER A 32 -4.98 -0.94 10.07
N GLU A 33 -4.82 -1.58 8.92
CA GLU A 33 -3.69 -2.47 8.68
C GLU A 33 -2.53 -1.71 8.05
N ILE A 34 -2.79 -0.51 7.57
CA ILE A 34 -1.78 0.28 6.89
C ILE A 34 -0.74 0.82 7.87
N GLN A 35 0.52 0.77 7.46
CA GLN A 35 1.63 1.20 8.28
C GLN A 35 2.41 2.30 7.56
N GLY A 36 2.81 3.32 8.29
CA GLY A 36 3.55 4.41 7.69
C GLY A 36 4.11 5.35 8.72
N ASN A 37 4.43 6.57 8.31
CA ASN A 37 5.00 7.57 9.22
C ASN A 37 3.87 8.26 9.99
N GLY A 38 2.94 7.46 10.48
CA GLY A 38 1.76 7.98 11.14
C GLY A 38 0.58 8.02 10.20
N PHE A 39 0.73 7.37 9.06
CA PHE A 39 -0.31 7.37 8.04
C PHE A 39 -1.03 6.03 7.99
N ARG A 40 -2.34 6.09 7.85
CA ARG A 40 -3.13 4.89 7.62
C ARG A 40 -3.78 4.98 6.25
N THR A 41 -3.07 5.62 5.33
CA THR A 41 -3.61 5.89 4.02
C THR A 41 -2.65 5.48 2.92
N LEU A 42 -3.19 5.28 1.72
CA LEU A 42 -2.39 4.89 0.57
C LEU A 42 -2.71 5.77 -0.62
N GLU A 43 -1.68 6.14 -1.35
CA GLU A 43 -1.82 6.97 -2.52
C GLU A 43 -2.09 6.11 -3.74
N GLU A 44 -2.94 6.59 -4.62
CA GLU A 44 -3.33 5.84 -5.80
C GLU A 44 -2.14 5.70 -6.74
N ASN A 45 -1.85 4.45 -7.11
CA ASN A 45 -0.73 4.10 -7.98
C ASN A 45 0.59 4.30 -7.25
N GLN A 46 0.58 4.00 -5.97
CA GLN A 46 1.79 4.06 -5.15
C GLN A 46 2.27 2.64 -4.84
N LYS A 47 3.58 2.46 -4.82
CA LYS A 47 4.16 1.18 -4.46
C LYS A 47 3.96 0.96 -2.97
N VAL A 48 3.73 -0.28 -2.59
CA VAL A 48 3.42 -0.60 -1.22
C VAL A 48 3.88 -2.01 -0.86
N GLU A 49 4.15 -2.22 0.41
CA GLU A 49 4.56 -3.52 0.92
C GLU A 49 3.55 -3.98 1.97
N PHE A 50 3.25 -5.26 1.98
CA PHE A 50 2.19 -5.77 2.84
C PHE A 50 2.30 -7.27 3.04
N GLU A 51 1.45 -7.79 3.90
CA GLU A 51 1.38 -9.21 4.14
C GLU A 51 -0.04 -9.69 3.83
N ILE A 52 -0.16 -10.55 2.84
CA ILE A 52 -1.46 -10.99 2.38
C ILE A 52 -2.08 -12.00 3.34
N GLY A 53 -3.30 -11.70 3.76
CA GLY A 53 -4.05 -12.62 4.59
C GLY A 53 -5.41 -12.90 4.00
N GLU A 54 -6.33 -13.34 4.84
CA GLU A 54 -7.67 -13.66 4.40
C GLU A 54 -8.66 -12.71 5.05
N GLY A 55 -9.28 -11.87 4.24
CA GLY A 55 -10.19 -10.88 4.73
C GLY A 55 -11.60 -11.09 4.24
N ALA A 56 -12.40 -10.03 4.29
CA ALA A 56 -13.80 -10.07 3.89
C ALA A 56 -13.98 -10.61 2.46
N LYS A 57 -13.36 -9.94 1.51
CA LYS A 57 -13.50 -10.32 0.10
C LYS A 57 -12.62 -11.51 -0.22
N GLY A 58 -11.36 -11.43 0.17
CA GLY A 58 -10.42 -12.48 -0.13
C GLY A 58 -9.06 -12.16 0.45
N PRO A 59 -8.01 -12.11 -0.37
CA PRO A 59 -6.68 -11.71 0.10
C PRO A 59 -6.68 -10.27 0.58
N GLN A 60 -6.26 -10.06 1.81
CA GLN A 60 -6.23 -8.73 2.38
C GLN A 60 -4.80 -8.33 2.73
N ALA A 61 -4.51 -7.06 2.55
CA ALA A 61 -3.20 -6.52 2.86
C ALA A 61 -3.11 -6.18 4.34
N GLN A 62 -2.26 -6.88 5.05
CA GLN A 62 -2.05 -6.65 6.47
C GLN A 62 -0.67 -6.04 6.67
N GLN A 63 -0.55 -5.16 7.66
CA GLN A 63 0.68 -4.41 7.87
C GLN A 63 1.16 -3.78 6.57
N VAL A 64 0.31 -2.94 6.01
CA VAL A 64 0.53 -2.37 4.70
C VAL A 64 1.45 -1.17 4.77
N HIS A 65 2.73 -1.41 4.62
CA HIS A 65 3.73 -0.34 4.68
C HIS A 65 3.76 0.40 3.37
N ALA A 66 3.32 1.66 3.41
CA ALA A 66 3.31 2.50 2.22
C ALA A 66 4.72 2.81 1.78
N LEU A 67 5.12 2.24 0.64
CA LEU A 67 6.46 2.42 0.13
C LEU A 67 6.59 3.80 -0.48
N GLY A 68 7.16 4.71 0.30
CA GLY A 68 7.19 6.11 -0.06
C GLY A 68 6.69 6.96 1.10
N GLY A 69 5.89 6.33 1.96
CA GLY A 69 5.33 7.02 3.10
C GLY A 69 6.18 6.89 4.34
N GLU A 70 7.15 5.99 4.30
CA GLU A 70 8.09 5.82 5.41
C GLU A 70 9.50 6.19 4.94
N ASN A 71 9.55 7.04 3.91
CA ASN A 71 10.80 7.40 3.24
C ASN A 71 11.43 6.18 2.58
N LEU A 72 10.99 5.90 1.36
CA LEU A 72 11.45 4.75 0.61
C LEU A 72 12.82 5.03 0.00
N TYR A 73 13.85 4.95 0.82
CA TYR A 73 15.21 5.07 0.36
C TYR A 73 15.91 3.72 0.46
N PHE A 74 17.22 3.70 0.32
CA PHE A 74 17.97 2.47 0.50
C PHE A 74 17.98 2.08 1.98
N GLN A 75 17.56 3.02 2.82
CA GLN A 75 17.40 2.76 4.24
C GLN A 75 16.30 1.74 4.48
N GLY A 76 15.42 1.58 3.50
CA GLY A 76 14.35 0.63 3.60
C GLY A 76 14.48 -0.46 2.56
N HIS A 77 13.63 -1.48 2.67
CA HIS A 77 13.61 -2.60 1.73
C HIS A 77 14.93 -3.38 1.80
N HIS A 78 15.19 -3.97 2.95
CA HIS A 78 16.33 -4.88 3.12
C HIS A 78 16.08 -5.82 4.28
N HIS A 79 14.81 -6.23 4.41
CA HIS A 79 14.36 -7.05 5.53
C HIS A 79 15.10 -8.37 5.55
N HIS A 80 15.40 -8.91 4.38
CA HIS A 80 16.10 -10.18 4.28
C HIS A 80 17.45 -9.99 3.58
N HIS A 81 18.02 -8.81 3.74
CA HIS A 81 19.33 -8.50 3.16
C HIS A 81 20.23 -7.90 4.23
N HIS A 82 21.47 -8.35 4.28
CA HIS A 82 22.43 -7.86 5.26
C HIS A 82 23.79 -7.67 4.62
N MET A 1 5.34 -12.48 3.23
CA MET A 1 4.87 -11.12 2.89
C MET A 1 4.84 -10.93 1.38
N ALA A 2 4.27 -9.81 0.94
CA ALA A 2 4.18 -9.50 -0.48
C ALA A 2 4.20 -8.00 -0.70
N GLN A 3 4.73 -7.58 -1.83
CA GLN A 3 4.76 -6.18 -2.17
C GLN A 3 3.86 -5.94 -3.37
N GLY A 4 3.63 -4.68 -3.68
CA GLY A 4 2.82 -4.35 -4.82
C GLY A 4 2.62 -2.87 -4.97
N THR A 5 1.62 -2.51 -5.74
CA THR A 5 1.30 -1.12 -5.98
C THR A 5 -0.19 -0.91 -5.73
N VAL A 6 -0.51 -0.05 -4.78
CA VAL A 6 -1.90 0.23 -4.46
C VAL A 6 -2.59 0.88 -5.65
N LYS A 7 -3.54 0.16 -6.23
CA LYS A 7 -4.21 0.60 -7.44
C LYS A 7 -5.19 1.71 -7.13
N TRP A 8 -5.74 1.69 -5.92
CA TRP A 8 -6.57 2.76 -5.43
C TRP A 8 -6.82 2.57 -3.94
N PHE A 9 -7.01 3.66 -3.23
CA PHE A 9 -7.30 3.59 -1.82
C PHE A 9 -8.24 4.72 -1.41
N ASN A 10 -9.33 4.34 -0.77
CA ASN A 10 -10.30 5.31 -0.28
C ASN A 10 -9.99 5.63 1.17
N ALA A 11 -9.29 6.74 1.38
CA ALA A 11 -8.84 7.14 2.70
C ALA A 11 -10.00 7.53 3.59
N GLU A 12 -11.09 7.97 2.99
CA GLU A 12 -12.26 8.41 3.72
C GLU A 12 -12.93 7.21 4.38
N LYS A 13 -13.04 6.14 3.63
CA LYS A 13 -13.69 4.93 4.10
C LYS A 13 -12.69 4.02 4.80
N GLY A 14 -11.43 4.15 4.41
CA GLY A 14 -10.36 3.43 5.07
C GLY A 14 -10.09 2.07 4.44
N PHE A 15 -10.34 1.94 3.16
CA PHE A 15 -10.07 0.69 2.47
C PHE A 15 -9.70 0.94 1.01
N GLY A 16 -9.13 -0.07 0.37
CA GLY A 16 -8.74 0.06 -1.02
C GLY A 16 -8.25 -1.25 -1.58
N PHE A 17 -7.55 -1.21 -2.69
CA PHE A 17 -6.99 -2.41 -3.29
C PHE A 17 -5.58 -2.17 -3.79
N ILE A 18 -4.76 -3.20 -3.67
CA ILE A 18 -3.41 -3.17 -4.17
C ILE A 18 -3.24 -4.17 -5.29
N ALA A 19 -2.40 -3.84 -6.25
CA ALA A 19 -2.00 -4.77 -7.27
C ALA A 19 -0.63 -5.33 -6.90
N PRO A 20 -0.61 -6.46 -6.17
CA PRO A 20 0.62 -7.10 -5.73
C PRO A 20 1.63 -7.33 -6.85
N ASP A 21 2.90 -7.18 -6.52
CA ASP A 21 3.99 -7.50 -7.42
C ASP A 21 4.12 -9.01 -7.50
N ASP A 22 3.42 -9.65 -6.58
CA ASP A 22 3.33 -11.11 -6.48
C ASP A 22 2.41 -11.68 -7.56
N GLY A 23 2.23 -10.93 -8.64
CA GLY A 23 1.40 -11.38 -9.74
C GLY A 23 0.02 -10.76 -9.74
N SER A 24 -0.18 -9.80 -8.84
CA SER A 24 -1.42 -9.02 -8.78
C SER A 24 -2.66 -9.90 -8.59
N ALA A 25 -3.01 -10.16 -7.34
CA ALA A 25 -4.17 -10.99 -7.03
C ALA A 25 -5.31 -10.14 -6.45
N ASP A 26 -5.23 -8.83 -6.65
CA ASP A 26 -6.20 -7.88 -6.12
C ASP A 26 -6.34 -8.01 -4.62
N VAL A 27 -5.38 -7.47 -3.89
CA VAL A 27 -5.40 -7.58 -2.46
C VAL A 27 -6.12 -6.38 -1.82
N PHE A 28 -7.04 -6.69 -0.92
CA PHE A 28 -7.88 -5.70 -0.28
C PHE A 28 -7.15 -5.02 0.87
N VAL A 29 -7.11 -3.71 0.85
CA VAL A 29 -6.41 -2.96 1.90
C VAL A 29 -7.41 -2.38 2.88
N HIS A 30 -6.98 -2.26 4.12
CA HIS A 30 -7.80 -1.67 5.17
C HIS A 30 -6.90 -0.88 6.11
N TYR A 31 -7.32 0.35 6.42
CA TYR A 31 -6.48 1.32 7.12
C TYR A 31 -5.99 0.81 8.48
N SER A 32 -6.76 -0.06 9.11
CA SER A 32 -6.39 -0.60 10.42
C SER A 32 -5.23 -1.57 10.29
N GLU A 33 -5.05 -2.10 9.09
CA GLU A 33 -3.94 -3.00 8.80
C GLU A 33 -2.72 -2.23 8.32
N ILE A 34 -2.96 -0.99 7.88
CA ILE A 34 -1.88 -0.15 7.42
C ILE A 34 -1.05 0.35 8.58
N GLN A 35 0.25 0.12 8.49
CA GLN A 35 1.18 0.56 9.51
C GLN A 35 1.55 2.01 9.26
N GLY A 36 0.73 2.91 9.76
CA GLY A 36 0.87 4.32 9.46
C GLY A 36 2.03 4.98 10.15
N ASN A 37 2.72 5.84 9.41
CA ASN A 37 3.80 6.64 9.96
C ASN A 37 3.31 8.06 10.25
N GLY A 38 2.11 8.13 10.80
CA GLY A 38 1.46 9.41 11.00
C GLY A 38 0.19 9.49 10.18
N PHE A 39 0.10 8.63 9.19
CA PHE A 39 -1.08 8.52 8.35
C PHE A 39 -1.23 7.08 7.88
N ARG A 40 -2.46 6.58 7.90
CA ARG A 40 -2.74 5.23 7.45
C ARG A 40 -3.45 5.24 6.12
N THR A 41 -2.89 6.00 5.20
CA THR A 41 -3.51 6.20 3.90
C THR A 41 -2.57 5.82 2.77
N LEU A 42 -3.15 5.46 1.64
CA LEU A 42 -2.38 5.07 0.48
C LEU A 42 -2.82 5.86 -0.73
N GLU A 43 -1.87 6.13 -1.61
CA GLU A 43 -2.14 6.90 -2.82
C GLU A 43 -2.32 5.96 -4.00
N GLU A 44 -3.06 6.41 -4.99
CA GLU A 44 -3.29 5.63 -6.19
C GLU A 44 -2.00 5.51 -6.98
N ASN A 45 -1.60 4.28 -7.24
CA ASN A 45 -0.37 3.94 -7.96
C ASN A 45 0.85 4.16 -7.08
N GLN A 46 0.64 4.05 -5.77
CA GLN A 46 1.73 4.12 -4.81
C GLN A 46 2.33 2.74 -4.61
N LYS A 47 3.64 2.66 -4.48
CA LYS A 47 4.28 1.40 -4.19
C LYS A 47 4.10 1.07 -2.72
N VAL A 48 3.86 -0.19 -2.43
CA VAL A 48 3.48 -0.58 -1.09
C VAL A 48 3.88 -2.02 -0.78
N GLU A 49 4.08 -2.30 0.49
CA GLU A 49 4.38 -3.64 0.96
C GLU A 49 3.30 -4.07 1.94
N PHE A 50 3.05 -5.37 2.04
CA PHE A 50 1.96 -5.86 2.87
C PHE A 50 2.11 -7.36 3.12
N GLU A 51 1.18 -7.90 3.90
CA GLU A 51 1.10 -9.31 4.14
C GLU A 51 -0.27 -9.82 3.76
N ILE A 52 -0.31 -10.69 2.76
CA ILE A 52 -1.58 -11.17 2.22
C ILE A 52 -2.23 -12.18 3.16
N GLY A 53 -3.44 -11.86 3.55
CA GLY A 53 -4.29 -12.78 4.27
C GLY A 53 -5.58 -13.00 3.54
N GLU A 54 -6.57 -13.56 4.21
CA GLU A 54 -7.85 -13.80 3.59
C GLU A 54 -8.92 -12.86 4.16
N GLY A 55 -9.49 -12.05 3.29
CA GLY A 55 -10.48 -11.09 3.71
C GLY A 55 -11.88 -11.55 3.37
N ALA A 56 -12.80 -10.61 3.31
CA ALA A 56 -14.19 -10.91 3.01
C ALA A 56 -14.37 -11.44 1.60
N LYS A 57 -13.96 -10.67 0.61
CA LYS A 57 -14.19 -11.04 -0.78
C LYS A 57 -12.94 -11.61 -1.44
N GLY A 58 -11.79 -11.36 -0.84
CA GLY A 58 -10.55 -11.84 -1.39
C GLY A 58 -9.39 -11.60 -0.46
N PRO A 59 -8.16 -11.80 -0.91
CA PRO A 59 -6.95 -11.58 -0.11
C PRO A 59 -6.91 -10.18 0.48
N GLN A 60 -6.41 -10.07 1.70
CA GLN A 60 -6.35 -8.78 2.37
C GLN A 60 -4.91 -8.41 2.70
N ALA A 61 -4.62 -7.13 2.56
CA ALA A 61 -3.30 -6.61 2.86
C ALA A 61 -3.20 -6.27 4.34
N GLN A 62 -2.43 -7.06 5.05
CA GLN A 62 -2.22 -6.85 6.47
C GLN A 62 -0.84 -6.27 6.71
N GLN A 63 -0.70 -5.49 7.77
CA GLN A 63 0.58 -4.89 8.13
C GLN A 63 1.17 -4.14 6.94
N VAL A 64 0.35 -3.29 6.35
CA VAL A 64 0.69 -2.62 5.12
C VAL A 64 1.73 -1.53 5.35
N HIS A 65 2.77 -1.54 4.54
CA HIS A 65 3.84 -0.57 4.64
C HIS A 65 3.92 0.25 3.36
N ALA A 66 3.66 1.54 3.47
CA ALA A 66 3.70 2.41 2.30
C ALA A 66 5.12 2.67 1.86
N LEU A 67 5.49 2.09 0.74
CA LEU A 67 6.84 2.20 0.21
C LEU A 67 7.00 3.52 -0.53
N GLY A 68 5.95 3.91 -1.23
CA GLY A 68 5.98 5.13 -2.00
C GLY A 68 6.36 4.89 -3.43
N GLY A 69 7.66 4.66 -3.66
CA GLY A 69 8.14 4.45 -5.00
C GLY A 69 8.60 5.74 -5.64
N GLU A 70 7.69 6.42 -6.29
CA GLU A 70 8.00 7.68 -6.95
C GLU A 70 7.52 8.85 -6.10
N ASN A 71 8.26 9.14 -5.03
CA ASN A 71 7.98 10.29 -4.18
C ASN A 71 9.21 11.17 -4.07
N LEU A 72 9.03 12.40 -3.59
CA LEU A 72 10.11 13.37 -3.51
C LEU A 72 10.69 13.62 -4.89
N TYR A 73 10.00 14.43 -5.68
CA TYR A 73 10.38 14.67 -7.07
C TYR A 73 11.50 15.70 -7.18
N PHE A 74 12.42 15.65 -6.22
CA PHE A 74 13.62 16.47 -6.25
C PHE A 74 14.63 15.79 -7.15
N GLN A 75 14.55 14.46 -7.15
CA GLN A 75 15.32 13.59 -8.03
C GLN A 75 16.82 13.78 -7.89
N GLY A 76 17.24 14.00 -6.65
CA GLY A 76 18.66 14.20 -6.38
C GLY A 76 19.40 12.88 -6.26
N HIS A 77 19.39 12.10 -7.33
CA HIS A 77 20.03 10.78 -7.31
C HIS A 77 21.14 10.71 -8.36
N HIS A 78 21.93 11.79 -8.44
CA HIS A 78 23.02 11.92 -9.42
C HIS A 78 22.47 12.01 -10.84
N HIS A 79 22.15 10.87 -11.43
CA HIS A 79 21.50 10.85 -12.73
C HIS A 79 20.01 10.67 -12.55
N HIS A 80 19.62 9.47 -12.11
CA HIS A 80 18.23 9.20 -11.77
C HIS A 80 18.10 7.95 -10.92
N HIS A 81 19.23 7.42 -10.46
CA HIS A 81 19.25 6.19 -9.67
C HIS A 81 20.64 5.96 -9.09
N HIS A 82 20.72 5.87 -7.77
CA HIS A 82 21.98 5.64 -7.08
C HIS A 82 21.73 5.25 -5.63
N MET A 1 4.62 -12.60 3.07
CA MET A 1 4.80 -11.17 2.73
C MET A 1 4.83 -10.97 1.22
N ALA A 2 4.31 -9.85 0.78
CA ALA A 2 4.29 -9.51 -0.63
C ALA A 2 4.40 -8.01 -0.80
N GLN A 3 4.72 -7.59 -2.01
CA GLN A 3 4.84 -6.19 -2.33
C GLN A 3 3.95 -5.88 -3.52
N GLY A 4 3.79 -4.61 -3.83
CA GLY A 4 3.01 -4.25 -4.97
C GLY A 4 2.75 -2.77 -5.05
N THR A 5 1.67 -2.42 -5.71
CA THR A 5 1.30 -1.03 -5.90
C THR A 5 -0.16 -0.85 -5.58
N VAL A 6 -0.47 0.00 -4.62
CA VAL A 6 -1.85 0.31 -4.31
C VAL A 6 -2.50 0.98 -5.50
N LYS A 7 -3.42 0.27 -6.13
CA LYS A 7 -4.05 0.73 -7.36
C LYS A 7 -5.00 1.86 -7.07
N TRP A 8 -5.57 1.84 -5.87
CA TRP A 8 -6.40 2.93 -5.40
C TRP A 8 -6.73 2.75 -3.93
N PHE A 9 -6.99 3.85 -3.25
CA PHE A 9 -7.33 3.81 -1.84
C PHE A 9 -8.19 5.02 -1.50
N ASN A 10 -9.32 4.77 -0.84
CA ASN A 10 -10.20 5.85 -0.44
C ASN A 10 -10.20 6.00 1.08
N ALA A 11 -9.45 7.00 1.54
CA ALA A 11 -9.22 7.21 2.97
C ALA A 11 -10.49 7.63 3.70
N GLU A 12 -11.47 8.09 2.96
CA GLU A 12 -12.75 8.49 3.55
C GLU A 12 -13.41 7.29 4.20
N LYS A 13 -13.37 6.17 3.50
CA LYS A 13 -13.93 4.93 4.03
C LYS A 13 -12.86 4.16 4.77
N GLY A 14 -11.63 4.30 4.29
CA GLY A 14 -10.50 3.69 4.95
C GLY A 14 -10.14 2.33 4.36
N PHE A 15 -10.37 2.16 3.06
CA PHE A 15 -10.00 0.92 2.40
C PHE A 15 -9.49 1.18 0.99
N GLY A 16 -9.11 0.12 0.30
CA GLY A 16 -8.61 0.24 -1.05
C GLY A 16 -8.14 -1.09 -1.58
N PHE A 17 -7.41 -1.06 -2.68
CA PHE A 17 -6.89 -2.29 -3.27
C PHE A 17 -5.45 -2.11 -3.74
N ILE A 18 -4.68 -3.17 -3.62
CA ILE A 18 -3.31 -3.19 -4.10
C ILE A 18 -3.15 -4.19 -5.22
N ALA A 19 -2.31 -3.86 -6.18
CA ALA A 19 -1.92 -4.79 -7.21
C ALA A 19 -0.53 -5.33 -6.90
N PRO A 20 -0.47 -6.50 -6.23
CA PRO A 20 0.79 -7.12 -5.83
C PRO A 20 1.75 -7.33 -7.00
N ASP A 21 3.03 -7.18 -6.71
CA ASP A 21 4.09 -7.38 -7.70
C ASP A 21 4.30 -8.87 -7.94
N ASP A 22 3.72 -9.68 -7.05
CA ASP A 22 3.87 -11.14 -7.10
C ASP A 22 2.91 -11.76 -8.12
N GLY A 23 2.54 -10.97 -9.13
CA GLY A 23 1.60 -11.43 -10.13
C GLY A 23 0.22 -10.86 -9.93
N SER A 24 0.11 -9.94 -8.99
CA SER A 24 -1.08 -9.13 -8.80
C SER A 24 -2.32 -9.95 -8.43
N ALA A 25 -2.30 -10.49 -7.22
CA ALA A 25 -3.50 -11.02 -6.62
C ALA A 25 -4.22 -9.90 -5.90
N ASP A 26 -5.11 -9.22 -6.64
CA ASP A 26 -5.82 -8.04 -6.15
C ASP A 26 -6.19 -8.17 -4.68
N VAL A 27 -5.46 -7.44 -3.86
CA VAL A 27 -5.58 -7.57 -2.42
C VAL A 27 -6.31 -6.37 -1.83
N PHE A 28 -7.25 -6.67 -0.94
CA PHE A 28 -8.07 -5.66 -0.30
C PHE A 28 -7.32 -5.05 0.87
N VAL A 29 -7.37 -3.74 0.99
CA VAL A 29 -6.69 -3.05 2.06
C VAL A 29 -7.69 -2.34 2.96
N HIS A 30 -7.44 -2.38 4.25
CA HIS A 30 -8.21 -1.62 5.21
C HIS A 30 -7.24 -0.88 6.11
N TYR A 31 -7.52 0.40 6.36
CA TYR A 31 -6.57 1.30 7.03
C TYR A 31 -6.16 0.80 8.41
N SER A 32 -6.92 -0.12 8.97
CA SER A 32 -6.61 -0.67 10.29
C SER A 32 -5.36 -1.55 10.24
N GLU A 33 -5.06 -2.08 9.06
CA GLU A 33 -3.89 -2.94 8.89
C GLU A 33 -2.69 -2.14 8.40
N ILE A 34 -2.96 -0.96 7.87
CA ILE A 34 -1.91 -0.12 7.35
C ILE A 34 -1.09 0.47 8.48
N GLN A 35 0.22 0.52 8.27
CA GLN A 35 1.14 1.04 9.26
C GLN A 35 1.58 2.44 8.88
N GLY A 36 1.32 3.39 9.76
CA GLY A 36 1.66 4.76 9.48
C GLY A 36 1.91 5.55 10.75
N ASN A 37 2.48 6.73 10.62
CA ASN A 37 2.80 7.57 11.77
C ASN A 37 1.62 8.48 12.13
N GLY A 38 0.42 7.90 12.11
CA GLY A 38 -0.78 8.67 12.40
C GLY A 38 -1.76 8.63 11.25
N PHE A 39 -1.23 8.56 10.04
CA PHE A 39 -2.06 8.44 8.86
C PHE A 39 -1.84 7.09 8.20
N ARG A 40 -2.81 6.20 8.40
CA ARG A 40 -2.75 4.88 7.84
C ARG A 40 -3.43 4.87 6.47
N THR A 41 -2.90 5.68 5.58
CA THR A 41 -3.49 5.86 4.27
C THR A 41 -2.53 5.44 3.17
N LEU A 42 -3.08 5.24 1.98
CA LEU A 42 -2.30 4.86 0.83
C LEU A 42 -2.64 5.75 -0.36
N GLU A 43 -1.64 6.02 -1.18
CA GLU A 43 -1.81 6.86 -2.34
C GLU A 43 -1.96 6.01 -3.59
N GLU A 44 -2.82 6.44 -4.48
CA GLU A 44 -3.07 5.71 -5.71
C GLU A 44 -1.82 5.66 -6.57
N ASN A 45 -1.47 4.45 -7.00
CA ASN A 45 -0.28 4.20 -7.83
C ASN A 45 0.99 4.41 -7.01
N GLN A 46 0.90 4.14 -5.73
CA GLN A 46 2.05 4.18 -4.85
C GLN A 46 2.50 2.77 -4.52
N LYS A 47 3.80 2.57 -4.40
CA LYS A 47 4.32 1.25 -4.07
C LYS A 47 4.07 0.95 -2.61
N VAL A 48 3.96 -0.33 -2.29
CA VAL A 48 3.58 -0.74 -0.96
C VAL A 48 4.05 -2.17 -0.68
N GLU A 49 4.30 -2.45 0.59
CA GLU A 49 4.63 -3.78 1.05
C GLU A 49 3.62 -4.23 2.09
N PHE A 50 3.22 -5.49 2.05
CA PHE A 50 2.13 -5.97 2.87
C PHE A 50 2.18 -7.48 3.05
N GLU A 51 1.35 -7.97 3.95
CA GLU A 51 1.17 -9.40 4.12
C GLU A 51 -0.20 -9.79 3.61
N ILE A 52 -0.27 -10.87 2.86
CA ILE A 52 -1.51 -11.27 2.25
C ILE A 52 -2.27 -12.28 3.11
N GLY A 53 -3.41 -11.84 3.61
CA GLY A 53 -4.27 -12.72 4.37
C GLY A 53 -5.53 -13.04 3.61
N GLU A 54 -6.62 -13.26 4.32
CA GLU A 54 -7.89 -13.56 3.69
C GLU A 54 -8.95 -12.59 4.17
N GLY A 55 -9.66 -12.01 3.22
CA GLY A 55 -10.69 -11.05 3.54
C GLY A 55 -12.01 -11.42 2.90
N ALA A 56 -12.91 -10.45 2.81
CA ALA A 56 -14.22 -10.70 2.22
C ALA A 56 -14.16 -10.66 0.70
N LYS A 57 -13.44 -9.68 0.17
CA LYS A 57 -13.38 -9.48 -1.28
C LYS A 57 -12.13 -10.12 -1.86
N GLY A 58 -11.65 -11.16 -1.20
CA GLY A 58 -10.44 -11.83 -1.63
C GLY A 58 -9.37 -11.72 -0.58
N PRO A 59 -8.09 -11.72 -0.97
CA PRO A 59 -6.99 -11.55 -0.02
C PRO A 59 -7.01 -10.15 0.62
N GLN A 60 -6.51 -10.06 1.83
CA GLN A 60 -6.46 -8.77 2.53
C GLN A 60 -5.01 -8.43 2.87
N ALA A 61 -4.69 -7.15 2.76
CA ALA A 61 -3.35 -6.67 3.05
C ALA A 61 -3.21 -6.40 4.54
N GLN A 62 -2.34 -7.15 5.18
CA GLN A 62 -2.11 -7.01 6.61
C GLN A 62 -0.74 -6.38 6.82
N GLN A 63 -0.60 -5.57 7.86
CA GLN A 63 0.65 -4.90 8.18
C GLN A 63 1.18 -4.16 6.96
N VAL A 64 0.35 -3.29 6.42
CA VAL A 64 0.65 -2.63 5.15
C VAL A 64 1.60 -1.46 5.35
N HIS A 65 2.74 -1.52 4.70
CA HIS A 65 3.74 -0.46 4.77
C HIS A 65 3.91 0.18 3.41
N ALA A 66 3.68 1.47 3.34
CA ALA A 66 3.80 2.18 2.08
C ALA A 66 5.26 2.32 1.69
N LEU A 67 5.56 1.94 0.46
CA LEU A 67 6.92 2.02 -0.04
C LEU A 67 7.15 3.35 -0.73
N GLY A 68 7.54 4.35 0.05
CA GLY A 68 7.76 5.68 -0.48
C GLY A 68 9.10 5.82 -1.17
N GLY A 69 9.44 4.81 -1.98
CA GLY A 69 10.67 4.85 -2.73
C GLY A 69 10.42 5.24 -4.18
N GLU A 70 11.29 6.07 -4.71
CA GLU A 70 11.14 6.55 -6.07
C GLU A 70 12.46 6.34 -6.81
N ASN A 71 12.41 5.58 -7.89
CA ASN A 71 13.59 5.29 -8.69
C ASN A 71 13.23 5.24 -10.16
N LEU A 72 13.43 6.36 -10.84
CA LEU A 72 13.09 6.50 -12.26
C LEU A 72 11.61 6.25 -12.50
N TYR A 73 10.78 6.69 -11.56
CA TYR A 73 9.35 6.52 -11.67
C TYR A 73 8.74 7.69 -12.43
N PHE A 74 8.78 7.61 -13.74
CA PHE A 74 8.22 8.65 -14.59
C PHE A 74 6.88 8.19 -15.15
N GLN A 75 5.82 8.41 -14.38
CA GLN A 75 4.49 7.99 -14.76
C GLN A 75 3.87 8.97 -15.75
N GLY A 76 4.43 9.01 -16.95
CA GLY A 76 3.94 9.89 -17.98
C GLY A 76 4.77 9.80 -19.24
N HIS A 77 4.09 9.83 -20.38
CA HIS A 77 4.73 9.71 -21.69
C HIS A 77 5.48 8.40 -21.81
N HIS A 78 4.94 7.36 -21.17
CA HIS A 78 5.50 6.03 -21.21
C HIS A 78 4.40 5.00 -21.38
N HIS A 79 3.26 5.45 -21.91
CA HIS A 79 2.13 4.58 -22.12
C HIS A 79 2.41 3.64 -23.29
N HIS A 80 2.51 2.36 -23.00
CA HIS A 80 2.78 1.37 -24.03
C HIS A 80 1.54 1.09 -24.84
N HIS A 81 1.72 0.84 -26.13
CA HIS A 81 0.60 0.66 -27.05
C HIS A 81 0.50 -0.79 -27.51
N HIS A 82 -0.18 -1.61 -26.72
CA HIS A 82 -0.43 -2.99 -27.09
C HIS A 82 -1.89 -3.34 -26.87
N MET A 1 4.83 -12.33 3.21
CA MET A 1 5.14 -10.93 2.84
C MET A 1 5.11 -10.76 1.33
N ALA A 2 4.39 -9.73 0.88
CA ALA A 2 4.30 -9.44 -0.54
C ALA A 2 4.37 -7.94 -0.78
N GLN A 3 4.64 -7.56 -1.99
CA GLN A 3 4.63 -6.16 -2.36
C GLN A 3 3.75 -5.95 -3.56
N GLY A 4 3.50 -4.72 -3.89
CA GLY A 4 2.67 -4.42 -5.03
C GLY A 4 2.44 -2.94 -5.20
N THR A 5 1.36 -2.61 -5.88
CA THR A 5 1.00 -1.23 -6.12
C THR A 5 -0.49 -1.04 -5.88
N VAL A 6 -0.83 -0.15 -4.96
CA VAL A 6 -2.23 0.13 -4.68
C VAL A 6 -2.88 0.83 -5.87
N LYS A 7 -3.84 0.16 -6.48
CA LYS A 7 -4.49 0.65 -7.66
C LYS A 7 -5.46 1.77 -7.32
N TRP A 8 -6.01 1.69 -6.12
CA TRP A 8 -6.85 2.75 -5.59
C TRP A 8 -7.07 2.54 -4.10
N PHE A 9 -7.26 3.63 -3.38
CA PHE A 9 -7.50 3.56 -1.96
C PHE A 9 -8.54 4.58 -1.54
N ASN A 10 -9.60 4.08 -0.93
CA ASN A 10 -10.67 4.92 -0.41
C ASN A 10 -10.33 5.31 1.02
N ALA A 11 -9.74 6.47 1.20
CA ALA A 11 -9.30 6.94 2.51
C ALA A 11 -10.49 7.32 3.38
N GLU A 12 -11.60 7.65 2.74
CA GLU A 12 -12.82 8.04 3.43
C GLU A 12 -13.35 6.86 4.24
N LYS A 13 -13.37 5.71 3.60
CA LYS A 13 -13.89 4.50 4.23
C LYS A 13 -12.75 3.70 4.86
N GLY A 14 -11.54 3.95 4.39
CA GLY A 14 -10.37 3.35 4.97
C GLY A 14 -10.05 1.99 4.38
N PHE A 15 -10.36 1.79 3.11
CA PHE A 15 -10.04 0.53 2.44
C PHE A 15 -9.73 0.77 0.97
N GLY A 16 -9.10 -0.21 0.34
CA GLY A 16 -8.74 -0.09 -1.06
C GLY A 16 -8.30 -1.41 -1.64
N PHE A 17 -7.63 -1.38 -2.78
CA PHE A 17 -7.12 -2.60 -3.38
C PHE A 17 -5.72 -2.39 -3.92
N ILE A 18 -4.88 -3.38 -3.69
CA ILE A 18 -3.52 -3.38 -4.19
C ILE A 18 -3.35 -4.42 -5.26
N ALA A 19 -2.58 -4.09 -6.27
CA ALA A 19 -2.18 -5.05 -7.28
C ALA A 19 -0.79 -5.57 -6.96
N PRO A 20 -0.71 -6.71 -6.25
CA PRO A 20 0.55 -7.31 -5.81
C PRO A 20 1.51 -7.58 -6.96
N ASP A 21 2.80 -7.48 -6.67
CA ASP A 21 3.84 -7.79 -7.64
C ASP A 21 3.93 -9.29 -7.81
N ASP A 22 3.27 -10.00 -6.91
CA ASP A 22 3.25 -11.45 -6.88
C ASP A 22 2.27 -12.03 -7.91
N GLY A 23 1.98 -11.24 -8.95
CA GLY A 23 1.06 -11.69 -9.98
C GLY A 23 -0.31 -11.04 -9.87
N SER A 24 -0.34 -9.87 -9.24
CA SER A 24 -1.53 -9.02 -9.17
C SER A 24 -2.77 -9.76 -8.69
N ALA A 25 -2.66 -10.46 -7.57
CA ALA A 25 -3.83 -10.99 -6.90
C ALA A 25 -4.44 -9.90 -6.04
N ASP A 26 -5.19 -9.01 -6.71
CA ASP A 26 -5.73 -7.79 -6.12
C ASP A 26 -6.19 -8.01 -4.69
N VAL A 27 -5.49 -7.37 -3.78
CA VAL A 27 -5.67 -7.57 -2.36
C VAL A 27 -6.38 -6.39 -1.71
N PHE A 28 -7.32 -6.71 -0.82
CA PHE A 28 -8.15 -5.71 -0.15
C PHE A 28 -7.38 -5.05 1.00
N VAL A 29 -7.22 -3.75 0.92
CA VAL A 29 -6.46 -3.02 1.94
C VAL A 29 -7.39 -2.48 3.02
N HIS A 30 -6.87 -2.38 4.23
CA HIS A 30 -7.62 -1.80 5.34
C HIS A 30 -6.71 -0.86 6.11
N TYR A 31 -7.17 0.37 6.32
CA TYR A 31 -6.33 1.46 6.84
C TYR A 31 -5.72 1.15 8.21
N SER A 32 -6.40 0.35 9.01
CA SER A 32 -5.92 0.02 10.35
C SER A 32 -4.74 -0.95 10.28
N GLU A 33 -4.60 -1.61 9.15
CA GLU A 33 -3.52 -2.54 8.92
C GLU A 33 -2.32 -1.79 8.34
N ILE A 34 -2.58 -0.59 7.83
CA ILE A 34 -1.52 0.24 7.30
C ILE A 34 -0.61 0.70 8.43
N GLN A 35 0.67 0.51 8.23
CA GLN A 35 1.67 0.81 9.23
C GLN A 35 1.90 2.32 9.29
N GLY A 36 2.03 2.83 10.50
CA GLY A 36 2.17 4.26 10.72
C GLY A 36 3.40 4.83 10.04
N ASN A 37 3.18 5.55 8.95
CA ASN A 37 4.25 6.28 8.27
C ASN A 37 3.95 7.77 8.35
N GLY A 38 3.35 8.17 9.46
CA GLY A 38 2.87 9.53 9.61
C GLY A 38 1.41 9.62 9.22
N PHE A 39 0.95 8.57 8.55
CA PHE A 39 -0.42 8.47 8.08
C PHE A 39 -0.76 7.01 7.82
N ARG A 40 -2.03 6.65 7.98
CA ARG A 40 -2.50 5.32 7.64
C ARG A 40 -3.32 5.36 6.37
N THR A 41 -2.74 5.89 5.32
CA THR A 41 -3.44 6.04 4.06
C THR A 41 -2.56 5.72 2.87
N LEU A 42 -3.18 5.24 1.81
CA LEU A 42 -2.48 4.94 0.58
C LEU A 42 -3.00 5.81 -0.54
N GLU A 43 -2.20 5.95 -1.57
CA GLU A 43 -2.59 6.72 -2.74
C GLU A 43 -2.68 5.81 -3.94
N GLU A 44 -3.33 6.29 -4.99
CA GLU A 44 -3.41 5.55 -6.22
C GLU A 44 -2.03 5.40 -6.82
N ASN A 45 -1.79 4.27 -7.47
CA ASN A 45 -0.52 3.93 -8.12
C ASN A 45 0.67 4.15 -7.19
N GLN A 46 0.44 3.87 -5.91
CA GLN A 46 1.49 3.93 -4.91
C GLN A 46 2.09 2.54 -4.72
N LYS A 47 3.40 2.47 -4.62
CA LYS A 47 4.06 1.22 -4.33
C LYS A 47 3.89 0.90 -2.86
N VAL A 48 3.69 -0.37 -2.57
CA VAL A 48 3.33 -0.75 -1.23
C VAL A 48 3.79 -2.17 -0.91
N GLU A 49 4.05 -2.41 0.36
CA GLU A 49 4.41 -3.72 0.86
C GLU A 49 3.40 -4.14 1.91
N PHE A 50 3.07 -5.42 1.95
CA PHE A 50 1.99 -5.88 2.81
C PHE A 50 2.09 -7.38 3.07
N GLU A 51 1.37 -7.83 4.07
CA GLU A 51 1.26 -9.24 4.38
C GLU A 51 -0.14 -9.71 4.02
N ILE A 52 -0.23 -10.58 3.03
CA ILE A 52 -1.51 -11.00 2.51
C ILE A 52 -2.24 -11.93 3.47
N GLY A 53 -3.37 -11.48 3.95
CA GLY A 53 -4.27 -12.33 4.71
C GLY A 53 -5.48 -12.67 3.89
N GLU A 54 -6.42 -13.40 4.46
CA GLU A 54 -7.60 -13.79 3.72
C GLU A 54 -8.79 -12.94 4.14
N GLY A 55 -9.65 -12.62 3.17
CA GLY A 55 -10.81 -11.80 3.45
C GLY A 55 -12.08 -12.43 2.93
N ALA A 56 -13.16 -11.66 2.92
CA ALA A 56 -14.45 -12.15 2.48
C ALA A 56 -14.52 -12.28 0.97
N LYS A 57 -14.19 -11.19 0.27
CA LYS A 57 -14.27 -11.16 -1.19
C LYS A 57 -12.87 -11.14 -1.79
N GLY A 58 -11.95 -11.78 -1.10
CA GLY A 58 -10.57 -11.84 -1.58
C GLY A 58 -9.60 -11.55 -0.46
N PRO A 59 -8.31 -11.80 -0.68
CA PRO A 59 -7.25 -11.56 0.31
C PRO A 59 -7.24 -10.12 0.80
N GLN A 60 -6.66 -9.91 1.97
CA GLN A 60 -6.60 -8.57 2.55
C GLN A 60 -5.17 -8.22 2.94
N ALA A 61 -4.81 -6.97 2.72
CA ALA A 61 -3.46 -6.50 2.99
C ALA A 61 -3.30 -6.14 4.45
N GLN A 62 -2.43 -6.87 5.12
CA GLN A 62 -2.14 -6.64 6.53
C GLN A 62 -0.74 -6.08 6.67
N GLN A 63 -0.52 -5.27 7.69
CA GLN A 63 0.79 -4.64 7.92
C GLN A 63 1.25 -3.92 6.65
N VAL A 64 0.42 -3.01 6.19
CA VAL A 64 0.64 -2.37 4.91
C VAL A 64 1.63 -1.22 5.02
N HIS A 65 2.75 -1.35 4.34
CA HIS A 65 3.79 -0.34 4.33
C HIS A 65 3.82 0.38 2.99
N ALA A 66 3.68 1.69 3.02
CA ALA A 66 3.79 2.47 1.80
C ALA A 66 5.25 2.56 1.37
N LEU A 67 5.55 1.99 0.21
CA LEU A 67 6.92 1.90 -0.27
C LEU A 67 7.39 3.21 -0.89
N GLY A 68 7.99 4.06 -0.08
CA GLY A 68 8.56 5.30 -0.59
C GLY A 68 9.78 5.02 -1.43
N GLY A 69 9.76 5.49 -2.66
CA GLY A 69 10.84 5.20 -3.58
C GLY A 69 11.99 6.17 -3.47
N GLU A 70 11.80 7.37 -3.97
CA GLU A 70 12.85 8.37 -3.96
C GLU A 70 12.47 9.52 -3.04
N ASN A 71 12.10 9.19 -1.82
CA ASN A 71 11.68 10.18 -0.84
C ASN A 71 12.89 10.69 -0.06
N LEU A 72 13.91 11.11 -0.79
CA LEU A 72 15.11 11.64 -0.17
C LEU A 72 14.90 13.10 0.22
N TYR A 73 14.23 13.31 1.35
CA TYR A 73 13.98 14.65 1.85
C TYR A 73 15.18 15.15 2.64
N PHE A 74 16.12 14.25 2.89
CA PHE A 74 17.35 14.58 3.58
C PHE A 74 18.27 15.38 2.67
N GLN A 75 18.11 16.70 2.68
CA GLN A 75 18.93 17.58 1.85
C GLN A 75 19.97 18.29 2.71
N GLY A 76 19.61 18.57 3.95
CA GLY A 76 20.52 19.23 4.86
C GLY A 76 21.01 18.30 5.93
N HIS A 77 22.20 18.58 6.45
CA HIS A 77 22.79 17.78 7.51
C HIS A 77 22.14 18.13 8.84
N HIS A 78 21.08 17.41 9.18
CA HIS A 78 20.33 17.67 10.40
C HIS A 78 20.52 16.55 11.41
N HIS A 79 21.59 15.79 11.26
CA HIS A 79 21.92 14.74 12.20
C HIS A 79 23.21 15.12 12.93
N HIS A 80 23.12 16.13 13.77
CA HIS A 80 24.27 16.64 14.51
C HIS A 80 23.81 17.55 15.65
N HIS A 81 23.17 18.66 15.28
CA HIS A 81 22.62 19.63 16.24
C HIS A 81 23.73 20.37 16.99
N HIS A 82 23.61 21.69 17.02
CA HIS A 82 24.55 22.52 17.77
C HIS A 82 23.95 22.86 19.12
N MET A 1 4.98 -9.68 3.80
CA MET A 1 5.91 -10.41 2.90
C MET A 1 5.70 -9.98 1.45
N ALA A 2 4.45 -9.96 1.00
CA ALA A 2 4.14 -9.58 -0.37
C ALA A 2 4.34 -8.08 -0.57
N GLN A 3 4.52 -7.70 -1.82
CA GLN A 3 4.67 -6.30 -2.17
C GLN A 3 3.81 -5.98 -3.37
N GLY A 4 3.70 -4.71 -3.70
CA GLY A 4 2.95 -4.34 -4.87
C GLY A 4 2.77 -2.85 -4.99
N THR A 5 1.72 -2.45 -5.67
CA THR A 5 1.37 -1.05 -5.83
C THR A 5 -0.10 -0.86 -5.56
N VAL A 6 -0.43 0.01 -4.61
CA VAL A 6 -1.81 0.31 -4.33
C VAL A 6 -2.45 0.98 -5.53
N LYS A 7 -3.34 0.24 -6.17
CA LYS A 7 -3.97 0.67 -7.42
C LYS A 7 -4.91 1.84 -7.17
N TRP A 8 -5.47 1.86 -5.97
CA TRP A 8 -6.30 2.96 -5.52
C TRP A 8 -6.61 2.77 -4.04
N PHE A 9 -6.79 3.88 -3.35
CA PHE A 9 -7.12 3.82 -1.93
C PHE A 9 -8.02 4.98 -1.56
N ASN A 10 -9.13 4.65 -0.93
CA ASN A 10 -10.06 5.64 -0.43
C ASN A 10 -9.75 5.94 1.02
N ALA A 11 -9.04 7.04 1.26
CA ALA A 11 -8.50 7.34 2.57
C ALA A 11 -9.59 7.67 3.58
N GLU A 12 -10.62 8.38 3.14
CA GLU A 12 -11.68 8.81 4.06
C GLU A 12 -12.53 7.62 4.49
N LYS A 13 -12.67 6.65 3.61
CA LYS A 13 -13.45 5.45 3.92
C LYS A 13 -12.56 4.42 4.59
N GLY A 14 -11.28 4.44 4.24
CA GLY A 14 -10.31 3.61 4.89
C GLY A 14 -10.12 2.26 4.24
N PHE A 15 -10.36 2.18 2.93
CA PHE A 15 -10.15 0.93 2.21
C PHE A 15 -9.71 1.20 0.77
N GLY A 16 -9.09 0.19 0.17
CA GLY A 16 -8.62 0.31 -1.19
C GLY A 16 -8.12 -1.02 -1.72
N PHE A 17 -7.35 -0.98 -2.79
CA PHE A 17 -6.82 -2.20 -3.38
C PHE A 17 -5.37 -2.03 -3.79
N ILE A 18 -4.63 -3.11 -3.71
CA ILE A 18 -3.25 -3.16 -4.16
C ILE A 18 -3.10 -4.17 -5.27
N ALA A 19 -2.25 -3.85 -6.22
CA ALA A 19 -1.87 -4.80 -7.25
C ALA A 19 -0.51 -5.39 -6.92
N PRO A 20 -0.51 -6.53 -6.21
CA PRO A 20 0.72 -7.19 -5.75
C PRO A 20 1.74 -7.43 -6.85
N ASP A 21 2.99 -7.25 -6.50
CA ASP A 21 4.11 -7.55 -7.39
C ASP A 21 4.30 -9.06 -7.48
N ASP A 22 3.65 -9.76 -6.55
CA ASP A 22 3.71 -11.22 -6.46
C ASP A 22 2.79 -11.88 -7.49
N GLY A 23 2.48 -11.15 -8.54
CA GLY A 23 1.62 -11.68 -9.58
C GLY A 23 0.21 -11.13 -9.49
N SER A 24 0.08 -9.99 -8.84
CA SER A 24 -1.17 -9.22 -8.76
C SER A 24 -2.42 -10.08 -8.57
N ALA A 25 -2.66 -10.50 -7.32
CA ALA A 25 -3.88 -11.21 -6.98
C ALA A 25 -5.01 -10.24 -6.65
N ASP A 26 -4.69 -8.95 -6.76
CA ASP A 26 -5.61 -7.86 -6.40
C ASP A 26 -6.04 -7.98 -4.95
N VAL A 27 -5.26 -7.39 -4.07
CA VAL A 27 -5.47 -7.54 -2.65
C VAL A 27 -6.21 -6.33 -2.08
N PHE A 28 -7.18 -6.61 -1.22
CA PHE A 28 -8.01 -5.57 -0.60
C PHE A 28 -7.31 -4.98 0.61
N VAL A 29 -7.31 -3.67 0.73
CA VAL A 29 -6.64 -3.01 1.83
C VAL A 29 -7.64 -2.39 2.79
N HIS A 30 -7.43 -2.61 4.07
CA HIS A 30 -8.20 -1.93 5.10
C HIS A 30 -7.24 -1.12 5.97
N TYR A 31 -7.56 0.15 6.17
CA TYR A 31 -6.65 1.12 6.77
C TYR A 31 -6.10 0.68 8.13
N SER A 32 -6.83 -0.19 8.81
CA SER A 32 -6.44 -0.62 10.16
C SER A 32 -5.19 -1.51 10.09
N GLU A 33 -4.88 -2.02 8.92
CA GLU A 33 -3.69 -2.86 8.75
C GLU A 33 -2.49 -2.05 8.28
N ILE A 34 -2.75 -0.83 7.84
CA ILE A 34 -1.70 0.01 7.31
C ILE A 34 -0.78 0.52 8.42
N GLN A 35 0.51 0.34 8.19
CA GLN A 35 1.53 0.79 9.11
C GLN A 35 2.16 2.06 8.57
N GLY A 36 1.53 3.18 8.84
CA GLY A 36 1.96 4.44 8.25
C GLY A 36 2.88 5.23 9.15
N ASN A 37 3.25 6.42 8.70
CA ASN A 37 4.11 7.32 9.46
C ASN A 37 3.27 8.32 10.23
N GLY A 38 2.18 7.84 10.80
CA GLY A 38 1.24 8.72 11.47
C GLY A 38 -0.12 8.67 10.81
N PHE A 39 -0.14 8.35 9.54
CA PHE A 39 -1.38 8.19 8.79
C PHE A 39 -1.48 6.80 8.20
N ARG A 40 -2.53 6.08 8.56
CA ARG A 40 -2.77 4.76 8.00
C ARG A 40 -3.53 4.89 6.69
N THR A 41 -2.92 5.61 5.76
CA THR A 41 -3.54 5.89 4.48
C THR A 41 -2.54 5.66 3.34
N LEU A 42 -3.05 5.12 2.24
CA LEU A 42 -2.21 4.87 1.07
C LEU A 42 -2.58 5.81 -0.06
N GLU A 43 -1.63 6.03 -0.95
CA GLU A 43 -1.83 6.88 -2.09
C GLU A 43 -2.02 6.03 -3.33
N GLU A 44 -2.79 6.52 -4.29
CA GLU A 44 -3.01 5.77 -5.51
C GLU A 44 -1.74 5.76 -6.35
N ASN A 45 -1.39 4.56 -6.85
CA ASN A 45 -0.19 4.35 -7.66
C ASN A 45 1.05 4.45 -6.79
N GLN A 46 0.87 4.12 -5.52
CA GLN A 46 1.96 4.12 -4.56
C GLN A 46 2.51 2.71 -4.39
N LYS A 47 3.81 2.58 -4.28
CA LYS A 47 4.41 1.29 -3.99
C LYS A 47 4.15 0.92 -2.56
N VAL A 48 3.96 -0.35 -2.30
CA VAL A 48 3.53 -0.77 -1.00
C VAL A 48 3.95 -2.21 -0.71
N GLU A 49 4.11 -2.49 0.57
CA GLU A 49 4.42 -3.82 1.05
C GLU A 49 3.31 -4.25 1.99
N PHE A 50 3.02 -5.53 2.04
CA PHE A 50 1.90 -6.01 2.83
C PHE A 50 1.97 -7.51 3.08
N GLU A 51 1.04 -8.00 3.87
CA GLU A 51 0.91 -9.42 4.12
C GLU A 51 -0.47 -9.88 3.71
N ILE A 52 -0.55 -10.70 2.69
CA ILE A 52 -1.83 -11.16 2.20
C ILE A 52 -2.50 -12.11 3.17
N GLY A 53 -3.70 -11.75 3.58
CA GLY A 53 -4.49 -12.62 4.43
C GLY A 53 -5.80 -12.97 3.76
N GLU A 54 -6.71 -13.57 4.52
CA GLU A 54 -7.98 -14.00 3.98
C GLU A 54 -9.11 -13.14 4.56
N GLY A 55 -9.68 -12.29 3.71
CA GLY A 55 -10.74 -11.42 4.15
C GLY A 55 -12.11 -12.03 3.91
N ALA A 56 -13.14 -11.21 3.91
CA ALA A 56 -14.49 -11.68 3.70
C ALA A 56 -14.80 -11.88 2.21
N LYS A 57 -14.05 -11.19 1.37
CA LYS A 57 -14.32 -11.19 -0.06
C LYS A 57 -13.16 -11.76 -0.86
N GLY A 58 -12.00 -11.87 -0.23
CA GLY A 58 -10.83 -12.38 -0.90
C GLY A 58 -9.57 -12.03 -0.14
N PRO A 59 -8.42 -11.97 -0.81
CA PRO A 59 -7.16 -11.62 -0.16
C PRO A 59 -7.18 -10.20 0.39
N GLN A 60 -6.66 -10.04 1.59
CA GLN A 60 -6.62 -8.73 2.23
C GLN A 60 -5.19 -8.38 2.63
N ALA A 61 -4.85 -7.12 2.47
CA ALA A 61 -3.53 -6.63 2.80
C ALA A 61 -3.44 -6.35 4.29
N GLN A 62 -2.63 -7.14 4.97
CA GLN A 62 -2.42 -7.01 6.39
C GLN A 62 -1.02 -6.48 6.66
N GLN A 63 -0.88 -5.69 7.72
CA GLN A 63 0.40 -5.05 8.04
C GLN A 63 0.99 -4.40 6.80
N VAL A 64 0.28 -3.40 6.31
CA VAL A 64 0.61 -2.76 5.05
C VAL A 64 1.61 -1.63 5.25
N HIS A 65 2.77 -1.77 4.64
CA HIS A 65 3.82 -0.77 4.75
C HIS A 65 3.93 0.01 3.45
N ALA A 66 3.80 1.32 3.53
CA ALA A 66 3.84 2.16 2.36
C ALA A 66 5.27 2.38 1.89
N LEU A 67 5.54 2.01 0.66
CA LEU A 67 6.88 2.11 0.09
C LEU A 67 7.00 3.40 -0.71
N GLY A 68 7.29 4.49 -0.02
CA GLY A 68 7.36 5.78 -0.67
C GLY A 68 6.03 6.50 -0.62
N GLY A 69 5.71 7.20 -1.70
CA GLY A 69 4.47 7.93 -1.76
C GLY A 69 4.05 8.26 -3.18
N GLU A 70 4.14 9.53 -3.54
CA GLU A 70 3.76 9.97 -4.87
C GLU A 70 4.88 9.70 -5.87
N ASN A 71 4.50 9.19 -7.02
CA ASN A 71 5.47 8.90 -8.08
C ASN A 71 4.95 9.44 -9.40
N LEU A 72 4.58 10.72 -9.38
CA LEU A 72 4.05 11.40 -10.54
C LEU A 72 5.16 12.21 -11.21
N TYR A 73 6.08 12.71 -10.39
CA TYR A 73 7.20 13.51 -10.89
C TYR A 73 8.49 12.71 -10.85
N PHE A 74 8.39 11.42 -11.14
CA PHE A 74 9.54 10.52 -11.14
C PHE A 74 10.54 10.92 -12.21
N GLN A 75 10.04 11.46 -13.31
CA GLN A 75 10.90 11.87 -14.41
C GLN A 75 11.23 13.35 -14.30
N GLY A 76 10.86 13.94 -13.17
CA GLY A 76 11.11 15.34 -12.93
C GLY A 76 10.15 16.24 -13.66
N HIS A 77 10.39 16.42 -14.94
CA HIS A 77 9.54 17.25 -15.78
C HIS A 77 8.42 16.40 -16.38
N HIS A 78 7.22 16.56 -15.83
CA HIS A 78 6.06 15.84 -16.33
C HIS A 78 5.69 16.37 -17.72
N HIS A 79 5.22 15.48 -18.59
CA HIS A 79 4.89 15.83 -19.97
C HIS A 79 6.17 16.25 -20.70
N HIS A 80 7.02 15.29 -20.96
CA HIS A 80 8.32 15.53 -21.59
C HIS A 80 8.16 15.58 -23.11
N HIS A 81 7.69 16.71 -23.61
CA HIS A 81 7.54 16.90 -25.05
C HIS A 81 8.90 17.23 -25.66
N HIS A 82 9.50 16.23 -26.31
CA HIS A 82 10.80 16.39 -26.91
C HIS A 82 10.83 15.77 -28.29
N MET A 1 7.03 -11.38 2.99
CA MET A 1 6.66 -10.01 2.59
C MET A 1 6.23 -9.97 1.13
N ALA A 2 5.02 -9.51 0.89
CA ALA A 2 4.51 -9.34 -0.46
C ALA A 2 4.47 -7.87 -0.81
N GLN A 3 4.66 -7.55 -2.08
CA GLN A 3 4.60 -6.18 -2.52
C GLN A 3 3.70 -6.05 -3.71
N GLY A 4 3.42 -4.82 -4.09
CA GLY A 4 2.57 -4.57 -5.23
C GLY A 4 2.34 -3.10 -5.43
N THR A 5 1.28 -2.76 -6.15
CA THR A 5 0.92 -1.38 -6.37
C THR A 5 -0.51 -1.15 -5.95
N VAL A 6 -0.71 -0.26 -4.99
CA VAL A 6 -2.06 0.11 -4.59
C VAL A 6 -2.75 0.78 -5.77
N LYS A 7 -3.71 0.07 -6.34
CA LYS A 7 -4.40 0.54 -7.54
C LYS A 7 -5.25 1.76 -7.21
N TRP A 8 -5.74 1.78 -5.98
CA TRP A 8 -6.46 2.94 -5.46
C TRP A 8 -6.71 2.75 -3.97
N PHE A 9 -6.84 3.84 -3.27
CA PHE A 9 -7.12 3.79 -1.85
C PHE A 9 -7.98 4.96 -1.43
N ASN A 10 -9.12 4.64 -0.85
CA ASN A 10 -10.02 5.65 -0.31
C ASN A 10 -9.52 6.06 1.07
N ALA A 11 -8.83 7.18 1.12
CA ALA A 11 -8.13 7.60 2.32
C ALA A 11 -9.07 8.04 3.43
N GLU A 12 -10.22 8.58 3.06
CA GLU A 12 -11.14 9.12 4.04
C GLU A 12 -11.97 8.00 4.69
N LYS A 13 -12.09 6.89 3.99
CA LYS A 13 -12.84 5.75 4.51
C LYS A 13 -11.89 4.70 5.07
N GLY A 14 -10.71 4.64 4.49
CA GLY A 14 -9.67 3.78 5.01
C GLY A 14 -9.66 2.40 4.38
N PHE A 15 -9.99 2.32 3.10
CA PHE A 15 -9.94 1.04 2.40
C PHE A 15 -9.58 1.24 0.93
N GLY A 16 -9.05 0.20 0.31
CA GLY A 16 -8.64 0.28 -1.08
C GLY A 16 -8.23 -1.07 -1.63
N PHE A 17 -7.50 -1.07 -2.72
CA PHE A 17 -7.04 -2.31 -3.34
C PHE A 17 -5.61 -2.17 -3.83
N ILE A 18 -4.89 -3.27 -3.78
CA ILE A 18 -3.52 -3.33 -4.27
C ILE A 18 -3.40 -4.43 -5.32
N ALA A 19 -2.59 -4.17 -6.32
CA ALA A 19 -2.22 -5.18 -7.30
C ALA A 19 -0.86 -5.76 -6.95
N PRO A 20 -0.84 -6.87 -6.20
CA PRO A 20 0.39 -7.51 -5.75
C PRO A 20 1.30 -7.95 -6.89
N ASP A 21 2.59 -7.75 -6.69
CA ASP A 21 3.61 -8.27 -7.60
C ASP A 21 3.77 -9.78 -7.34
N ASP A 22 3.17 -10.20 -6.24
CA ASP A 22 3.22 -11.60 -5.78
C ASP A 22 2.26 -12.47 -6.59
N GLY A 23 1.96 -12.06 -7.81
CA GLY A 23 1.05 -12.81 -8.66
C GLY A 23 -0.32 -12.17 -8.72
N SER A 24 -0.37 -10.91 -8.32
CA SER A 24 -1.56 -10.05 -8.40
C SER A 24 -2.88 -10.79 -8.18
N ALA A 25 -3.17 -11.11 -6.92
CA ALA A 25 -4.45 -11.71 -6.57
C ALA A 25 -5.49 -10.64 -6.25
N ASP A 26 -5.10 -9.37 -6.50
CA ASP A 26 -5.92 -8.21 -6.19
C ASP A 26 -6.31 -8.20 -4.72
N VAL A 27 -5.47 -7.59 -3.92
CA VAL A 27 -5.62 -7.65 -2.48
C VAL A 27 -6.32 -6.40 -1.95
N PHE A 28 -7.19 -6.60 -0.97
CA PHE A 28 -7.98 -5.53 -0.38
C PHE A 28 -7.23 -4.88 0.77
N VAL A 29 -7.20 -3.56 0.80
CA VAL A 29 -6.49 -2.85 1.84
C VAL A 29 -7.45 -2.20 2.81
N HIS A 30 -7.06 -2.16 4.07
CA HIS A 30 -7.83 -1.49 5.10
C HIS A 30 -6.88 -0.79 6.05
N TYR A 31 -7.22 0.45 6.41
CA TYR A 31 -6.30 1.33 7.13
C TYR A 31 -5.90 0.78 8.51
N SER A 32 -6.65 -0.19 9.01
CA SER A 32 -6.32 -0.81 10.29
C SER A 32 -5.06 -1.66 10.13
N GLU A 33 -4.82 -2.10 8.90
CA GLU A 33 -3.69 -2.95 8.58
C GLU A 33 -2.50 -2.12 8.13
N ILE A 34 -2.78 -0.91 7.65
CA ILE A 34 -1.74 -0.04 7.14
C ILE A 34 -0.88 0.51 8.26
N GLN A 35 0.41 0.57 8.00
CA GLN A 35 1.38 1.07 8.95
C GLN A 35 1.92 2.40 8.47
N GLY A 36 2.15 3.32 9.39
CA GLY A 36 2.63 4.63 9.00
C GLY A 36 3.00 5.47 10.19
N ASN A 37 2.94 6.78 10.01
CA ASN A 37 3.34 7.72 11.05
C ASN A 37 2.17 8.62 11.45
N GLY A 38 0.98 8.05 11.40
CA GLY A 38 -0.22 8.81 11.67
C GLY A 38 -1.15 8.83 10.48
N PHE A 39 -0.55 8.82 9.30
CA PHE A 39 -1.31 8.68 8.07
C PHE A 39 -1.30 7.24 7.61
N ARG A 40 -2.37 6.52 7.89
CA ARG A 40 -2.51 5.15 7.45
C ARG A 40 -3.25 5.14 6.12
N THR A 41 -2.60 5.72 5.12
CA THR A 41 -3.19 5.90 3.81
C THR A 41 -2.22 5.45 2.73
N LEU A 42 -2.74 5.22 1.54
CA LEU A 42 -1.93 4.81 0.41
C LEU A 42 -2.23 5.70 -0.78
N GLU A 43 -1.22 5.95 -1.60
CA GLU A 43 -1.36 6.78 -2.78
C GLU A 43 -1.77 5.93 -3.96
N GLU A 44 -2.78 6.37 -4.69
CA GLU A 44 -3.26 5.65 -5.84
C GLU A 44 -2.15 5.51 -6.88
N ASN A 45 -1.90 4.27 -7.28
CA ASN A 45 -0.83 3.93 -8.22
C ASN A 45 0.53 4.13 -7.58
N GLN A 46 0.66 3.65 -6.36
CA GLN A 46 1.92 3.69 -5.65
C GLN A 46 2.35 2.29 -5.26
N LYS A 47 3.65 2.02 -5.32
CA LYS A 47 4.17 0.76 -4.86
C LYS A 47 4.01 0.64 -3.36
N VAL A 48 3.76 -0.57 -2.90
CA VAL A 48 3.44 -0.81 -1.51
C VAL A 48 3.84 -2.22 -1.10
N GLU A 49 4.13 -2.39 0.18
CA GLU A 49 4.50 -3.66 0.75
C GLU A 49 3.47 -4.08 1.78
N PHE A 50 3.20 -5.36 1.86
CA PHE A 50 2.13 -5.86 2.72
C PHE A 50 2.25 -7.37 2.94
N GLU A 51 1.35 -7.90 3.72
CA GLU A 51 1.23 -9.34 3.92
C GLU A 51 -0.18 -9.76 3.57
N ILE A 52 -0.32 -10.66 2.62
CA ILE A 52 -1.63 -11.07 2.16
C ILE A 52 -2.27 -12.05 3.13
N GLY A 53 -3.45 -11.67 3.59
CA GLY A 53 -4.26 -12.56 4.39
C GLY A 53 -5.59 -12.81 3.72
N GLU A 54 -6.47 -13.52 4.38
CA GLU A 54 -7.76 -13.83 3.80
C GLU A 54 -8.84 -12.95 4.41
N GLY A 55 -9.71 -12.45 3.55
CA GLY A 55 -10.79 -11.61 4.01
C GLY A 55 -12.14 -12.25 3.80
N ALA A 56 -13.18 -11.45 3.82
CA ALA A 56 -14.54 -11.95 3.69
C ALA A 56 -14.85 -12.36 2.25
N LYS A 57 -14.44 -11.54 1.30
CA LYS A 57 -14.71 -11.80 -0.11
C LYS A 57 -13.42 -11.98 -0.91
N GLY A 58 -12.30 -11.58 -0.34
CA GLY A 58 -11.03 -11.71 -1.02
C GLY A 58 -9.87 -11.50 -0.10
N PRO A 59 -8.63 -11.65 -0.60
CA PRO A 59 -7.42 -11.45 0.19
C PRO A 59 -7.30 -10.02 0.70
N GLN A 60 -6.73 -9.88 1.89
CA GLN A 60 -6.58 -8.57 2.51
C GLN A 60 -5.11 -8.29 2.78
N ALA A 61 -4.71 -7.04 2.57
CA ALA A 61 -3.35 -6.62 2.79
C ALA A 61 -3.16 -6.25 4.25
N GLN A 62 -2.36 -7.05 4.95
CA GLN A 62 -2.07 -6.81 6.35
C GLN A 62 -0.68 -6.19 6.48
N GLN A 63 -0.47 -5.45 7.56
CA GLN A 63 0.83 -4.84 7.84
C GLN A 63 1.34 -4.08 6.62
N VAL A 64 0.52 -3.19 6.12
CA VAL A 64 0.80 -2.51 4.86
C VAL A 64 1.76 -1.35 5.04
N HIS A 65 2.88 -1.42 4.35
CA HIS A 65 3.88 -0.37 4.38
C HIS A 65 4.03 0.22 2.99
N ALA A 66 3.86 1.52 2.87
CA ALA A 66 3.94 2.18 1.59
C ALA A 66 5.38 2.23 1.09
N LEU A 67 5.54 2.04 -0.21
CA LEU A 67 6.86 2.10 -0.83
C LEU A 67 6.97 3.36 -1.69
N GLY A 68 6.58 4.49 -1.11
CA GLY A 68 6.59 5.74 -1.85
C GLY A 68 7.67 6.69 -1.39
N GLY A 69 8.28 6.38 -0.25
CA GLY A 69 9.31 7.24 0.29
C GLY A 69 8.89 7.91 1.57
N GLU A 70 9.77 7.92 2.56
CA GLU A 70 9.47 8.52 3.85
C GLU A 70 9.86 9.99 3.85
N ASN A 71 8.90 10.85 3.54
CA ASN A 71 9.13 12.28 3.57
C ASN A 71 8.97 12.78 5.00
N LEU A 72 10.00 13.45 5.51
CA LEU A 72 9.99 13.93 6.88
C LEU A 72 9.30 15.27 6.97
N TYR A 73 8.22 15.33 7.73
CA TYR A 73 7.48 16.56 7.92
C TYR A 73 8.08 17.39 9.04
N PHE A 74 8.57 18.57 8.68
CA PHE A 74 9.16 19.47 9.64
C PHE A 74 8.07 20.22 10.39
N GLN A 75 7.55 19.58 11.43
CA GLN A 75 6.43 20.13 12.19
C GLN A 75 6.92 20.81 13.46
N GLY A 76 8.21 21.09 13.52
CA GLY A 76 8.81 21.67 14.71
C GLY A 76 8.14 22.97 15.14
N HIS A 77 7.74 23.77 14.16
CA HIS A 77 7.03 25.01 14.43
C HIS A 77 5.64 25.00 13.80
N HIS A 78 5.10 23.80 13.63
CA HIS A 78 3.76 23.60 13.05
C HIS A 78 3.72 24.02 11.57
N HIS A 79 3.58 23.05 10.68
CA HIS A 79 3.50 23.33 9.25
C HIS A 79 2.32 22.61 8.62
N HIS A 80 1.53 23.36 7.87
CA HIS A 80 0.34 22.82 7.21
C HIS A 80 -0.29 23.91 6.33
N HIS A 81 -1.01 23.50 5.31
CA HIS A 81 -1.66 24.46 4.42
C HIS A 81 -3.11 24.05 4.17
N HIS A 82 -3.98 24.45 5.10
CA HIS A 82 -5.40 24.16 4.98
C HIS A 82 -6.18 25.03 5.95
N MET A 1 7.08 -11.06 3.28
CA MET A 1 6.33 -9.83 2.95
C MET A 1 6.14 -9.72 1.44
N ALA A 2 4.93 -9.38 1.04
CA ALA A 2 4.61 -9.19 -0.36
C ALA A 2 4.65 -7.71 -0.70
N GLN A 3 4.71 -7.41 -1.98
CA GLN A 3 4.75 -6.03 -2.43
C GLN A 3 3.78 -5.84 -3.56
N GLY A 4 3.58 -4.60 -3.96
CA GLY A 4 2.71 -4.32 -5.07
C GLY A 4 2.49 -2.85 -5.26
N THR A 5 1.46 -2.52 -6.01
CA THR A 5 1.09 -1.15 -6.26
C THR A 5 -0.37 -0.95 -5.88
N VAL A 6 -0.65 -0.06 -4.94
CA VAL A 6 -2.02 0.19 -4.53
C VAL A 6 -2.81 0.75 -5.71
N LYS A 7 -3.75 -0.06 -6.17
CA LYS A 7 -4.57 0.24 -7.32
C LYS A 7 -5.42 1.45 -7.03
N TRP A 8 -5.90 1.51 -5.80
CA TRP A 8 -6.65 2.64 -5.29
C TRP A 8 -6.92 2.45 -3.82
N PHE A 9 -7.03 3.55 -3.09
CA PHE A 9 -7.34 3.49 -1.69
C PHE A 9 -8.35 4.57 -1.32
N ASN A 10 -9.49 4.15 -0.83
CA ASN A 10 -10.53 5.07 -0.42
C ASN A 10 -10.34 5.42 1.04
N ALA A 11 -9.70 6.56 1.28
CA ALA A 11 -9.35 6.99 2.63
C ALA A 11 -10.59 7.42 3.41
N GLU A 12 -11.67 7.69 2.70
CA GLU A 12 -12.92 8.07 3.33
C GLU A 12 -13.52 6.87 4.04
N LYS A 13 -13.50 5.75 3.34
CA LYS A 13 -14.08 4.52 3.86
C LYS A 13 -13.06 3.72 4.66
N GLY A 14 -11.80 3.87 4.27
CA GLY A 14 -10.72 3.23 4.99
C GLY A 14 -10.30 1.90 4.38
N PHE A 15 -10.62 1.70 3.11
CA PHE A 15 -10.25 0.46 2.44
C PHE A 15 -9.88 0.73 0.99
N GLY A 16 -9.24 -0.25 0.36
CA GLY A 16 -8.86 -0.12 -1.03
C GLY A 16 -8.38 -1.44 -1.60
N PHE A 17 -7.70 -1.39 -2.73
CA PHE A 17 -7.14 -2.59 -3.33
C PHE A 17 -5.74 -2.33 -3.85
N ILE A 18 -4.88 -3.29 -3.62
CA ILE A 18 -3.52 -3.24 -4.14
C ILE A 18 -3.36 -4.27 -5.24
N ALA A 19 -2.53 -3.95 -6.21
CA ALA A 19 -2.13 -4.90 -7.22
C ALA A 19 -0.77 -5.47 -6.89
N PRO A 20 -0.74 -6.60 -6.16
CA PRO A 20 0.50 -7.24 -5.73
C PRO A 20 1.48 -7.49 -6.89
N ASP A 21 2.75 -7.44 -6.56
CA ASP A 21 3.82 -7.67 -7.52
C ASP A 21 3.88 -9.14 -7.88
N ASP A 22 3.15 -9.94 -7.10
CA ASP A 22 3.08 -11.38 -7.28
C ASP A 22 2.04 -11.75 -8.36
N GLY A 23 1.77 -10.81 -9.25
CA GLY A 23 0.85 -11.07 -10.35
C GLY A 23 -0.52 -10.45 -10.14
N SER A 24 -0.58 -9.45 -9.26
CA SER A 24 -1.76 -8.61 -9.06
C SER A 24 -3.07 -9.41 -8.93
N ALA A 25 -3.34 -9.89 -7.72
CA ALA A 25 -4.56 -10.64 -7.45
C ALA A 25 -5.64 -9.78 -6.79
N ASP A 26 -5.41 -8.46 -6.82
CA ASP A 26 -6.30 -7.48 -6.17
C ASP A 26 -6.44 -7.79 -4.69
N VAL A 27 -5.50 -7.33 -3.90
CA VAL A 27 -5.54 -7.56 -2.47
C VAL A 27 -6.27 -6.41 -1.76
N PHE A 28 -7.17 -6.78 -0.87
CA PHE A 28 -8.03 -5.82 -0.18
C PHE A 28 -7.27 -5.13 0.95
N VAL A 29 -7.21 -3.81 0.88
CA VAL A 29 -6.49 -3.05 1.88
C VAL A 29 -7.45 -2.51 2.93
N HIS A 30 -6.96 -2.37 4.15
CA HIS A 30 -7.74 -1.82 5.23
C HIS A 30 -6.86 -0.90 6.07
N TYR A 31 -7.35 0.32 6.30
CA TYR A 31 -6.56 1.40 6.90
C TYR A 31 -5.95 1.01 8.24
N SER A 32 -6.63 0.16 8.99
CA SER A 32 -6.18 -0.23 10.31
C SER A 32 -4.90 -1.05 10.24
N GLU A 33 -4.67 -1.67 9.09
CA GLU A 33 -3.50 -2.51 8.90
C GLU A 33 -2.36 -1.72 8.26
N ILE A 34 -2.67 -0.53 7.79
CA ILE A 34 -1.68 0.31 7.15
C ILE A 34 -0.69 0.87 8.15
N GLN A 35 0.58 0.76 7.82
CA GLN A 35 1.65 1.24 8.66
C GLN A 35 2.30 2.45 8.00
N GLY A 36 1.77 3.62 8.27
CA GLY A 36 2.23 4.82 7.60
C GLY A 36 3.10 5.69 8.49
N ASN A 37 3.22 6.95 8.11
CA ASN A 37 4.05 7.90 8.85
C ASN A 37 3.17 8.82 9.67
N GLY A 38 2.14 8.24 10.29
CA GLY A 38 1.17 9.03 11.02
C GLY A 38 -0.18 9.00 10.35
N PHE A 39 -0.17 8.86 9.03
CA PHE A 39 -1.39 8.73 8.25
C PHE A 39 -1.50 7.33 7.69
N ARG A 40 -2.55 6.63 8.08
CA ARG A 40 -2.81 5.29 7.55
C ARG A 40 -3.57 5.38 6.24
N THR A 41 -2.92 5.94 5.24
CA THR A 41 -3.52 6.17 3.95
C THR A 41 -2.55 5.80 2.83
N LEU A 42 -3.11 5.41 1.68
CA LEU A 42 -2.31 5.01 0.54
C LEU A 42 -2.70 5.83 -0.68
N GLU A 43 -1.72 6.06 -1.56
CA GLU A 43 -1.94 6.83 -2.76
C GLU A 43 -2.15 5.91 -3.94
N GLU A 44 -3.10 6.25 -4.79
CA GLU A 44 -3.38 5.46 -5.97
C GLU A 44 -2.18 5.47 -6.89
N ASN A 45 -1.80 4.28 -7.37
CA ASN A 45 -0.65 4.10 -8.27
C ASN A 45 0.65 4.21 -7.51
N GLN A 46 0.60 3.99 -6.20
CA GLN A 46 1.78 4.04 -5.37
C GLN A 46 2.23 2.63 -5.02
N LYS A 47 3.52 2.44 -4.85
CA LYS A 47 4.05 1.15 -4.46
C LYS A 47 3.81 0.92 -2.97
N VAL A 48 3.76 -0.33 -2.57
CA VAL A 48 3.44 -0.67 -1.21
C VAL A 48 3.91 -2.09 -0.88
N GLU A 49 4.21 -2.31 0.39
CA GLU A 49 4.65 -3.60 0.89
C GLU A 49 3.72 -4.06 2.01
N PHE A 50 3.31 -5.31 1.97
CA PHE A 50 2.25 -5.79 2.84
C PHE A 50 2.31 -7.31 3.01
N GLU A 51 1.59 -7.82 3.99
CA GLU A 51 1.47 -9.26 4.17
C GLU A 51 0.05 -9.68 3.86
N ILE A 52 -0.10 -10.56 2.89
CA ILE A 52 -1.41 -10.95 2.41
C ILE A 52 -2.08 -11.95 3.35
N GLY A 53 -3.21 -11.55 3.88
CA GLY A 53 -4.02 -12.43 4.68
C GLY A 53 -5.28 -12.82 3.94
N GLU A 54 -6.35 -13.07 4.69
CA GLU A 54 -7.61 -13.47 4.09
C GLU A 54 -8.75 -12.61 4.64
N GLY A 55 -9.54 -12.05 3.74
CA GLY A 55 -10.65 -11.21 4.12
C GLY A 55 -11.98 -11.84 3.80
N ALA A 56 -13.02 -11.02 3.73
CA ALA A 56 -14.36 -11.53 3.46
C ALA A 56 -14.57 -11.76 1.97
N LYS A 57 -13.98 -10.90 1.14
CA LYS A 57 -14.15 -10.99 -0.31
C LYS A 57 -12.95 -11.65 -0.95
N GLY A 58 -11.81 -11.57 -0.30
CA GLY A 58 -10.59 -12.14 -0.82
C GLY A 58 -9.40 -11.80 0.04
N PRO A 59 -8.18 -11.98 -0.48
CA PRO A 59 -6.95 -11.68 0.28
C PRO A 59 -6.91 -10.24 0.76
N GLN A 60 -6.40 -10.03 1.95
CA GLN A 60 -6.33 -8.70 2.52
C GLN A 60 -4.89 -8.31 2.80
N ALA A 61 -4.59 -7.03 2.61
CA ALA A 61 -3.27 -6.51 2.88
C ALA A 61 -3.13 -6.18 4.36
N GLN A 62 -2.29 -6.94 5.04
CA GLN A 62 -2.04 -6.72 6.45
C GLN A 62 -0.65 -6.11 6.62
N GLN A 63 -0.51 -5.23 7.60
CA GLN A 63 0.76 -4.55 7.84
C GLN A 63 1.22 -3.86 6.56
N VAL A 64 0.42 -2.91 6.11
CA VAL A 64 0.60 -2.31 4.81
C VAL A 64 1.53 -1.10 4.89
N HIS A 65 2.76 -1.28 4.44
CA HIS A 65 3.77 -0.23 4.50
C HIS A 65 3.96 0.35 3.11
N ALA A 66 3.72 1.65 2.98
CA ALA A 66 3.81 2.31 1.69
C ALA A 66 5.25 2.38 1.21
N LEU A 67 5.43 2.13 -0.08
CA LEU A 67 6.76 2.12 -0.67
C LEU A 67 7.01 3.37 -1.49
N GLY A 68 7.88 4.23 -1.00
CA GLY A 68 8.31 5.38 -1.77
C GLY A 68 9.41 4.99 -2.73
N GLY A 69 9.95 3.79 -2.53
CA GLY A 69 11.00 3.29 -3.38
C GLY A 69 12.18 2.80 -2.58
N GLU A 70 13.37 2.98 -3.12
CA GLU A 70 14.59 2.60 -2.41
C GLU A 70 15.14 3.79 -1.63
N ASN A 71 14.64 4.97 -1.96
CA ASN A 71 15.02 6.19 -1.26
C ASN A 71 14.00 6.50 -0.18
N LEU A 72 14.38 6.35 1.08
CA LEU A 72 13.49 6.63 2.19
C LEU A 72 14.28 6.98 3.44
N TYR A 73 13.64 7.72 4.34
CA TYR A 73 14.24 8.08 5.61
C TYR A 73 14.01 6.97 6.62
N PHE A 74 14.99 6.74 7.49
CA PHE A 74 14.95 5.67 8.49
C PHE A 74 13.67 5.74 9.31
N GLN A 75 13.03 4.59 9.49
CA GLN A 75 11.74 4.50 10.15
C GLN A 75 11.87 4.71 11.66
N GLY A 76 10.98 5.52 12.21
CA GLY A 76 10.96 5.73 13.64
C GLY A 76 12.05 6.68 14.10
N HIS A 77 12.27 6.70 15.40
CA HIS A 77 13.28 7.57 15.99
C HIS A 77 14.43 6.72 16.53
N HIS A 78 15.04 5.95 15.64
CA HIS A 78 16.16 5.06 15.99
C HIS A 78 15.77 4.11 17.11
N HIS A 79 14.57 3.58 17.05
CA HIS A 79 14.05 2.71 18.09
C HIS A 79 14.55 1.28 17.88
N HIS A 80 14.66 0.89 16.62
CA HIS A 80 15.15 -0.43 16.27
C HIS A 80 16.68 -0.45 16.27
N HIS A 81 17.26 -0.78 17.40
CA HIS A 81 18.72 -0.79 17.54
C HIS A 81 19.16 -1.87 18.50
N HIS A 82 20.46 -2.15 18.51
CA HIS A 82 21.02 -3.13 19.43
C HIS A 82 21.70 -2.43 20.59
N MET A 1 4.89 -12.37 3.43
CA MET A 1 4.92 -10.94 3.07
C MET A 1 4.97 -10.78 1.55
N ALA A 2 4.32 -9.75 1.06
CA ALA A 2 4.27 -9.47 -0.37
C ALA A 2 4.42 -7.98 -0.62
N GLN A 3 4.58 -7.61 -1.87
CA GLN A 3 4.71 -6.22 -2.23
C GLN A 3 3.93 -5.95 -3.50
N GLY A 4 3.71 -4.69 -3.79
CA GLY A 4 2.98 -4.33 -4.97
C GLY A 4 2.76 -2.85 -5.09
N THR A 5 1.64 -2.48 -5.67
CA THR A 5 1.30 -1.09 -5.87
C THR A 5 -0.19 -0.89 -5.61
N VAL A 6 -0.52 -0.04 -4.66
CA VAL A 6 -1.90 0.23 -4.35
C VAL A 6 -2.56 0.92 -5.55
N LYS A 7 -3.49 0.20 -6.17
CA LYS A 7 -4.14 0.66 -7.39
C LYS A 7 -5.06 1.84 -7.08
N TRP A 8 -5.58 1.84 -5.86
CA TRP A 8 -6.37 2.95 -5.35
C TRP A 8 -6.67 2.72 -3.88
N PHE A 9 -6.81 3.79 -3.13
CA PHE A 9 -7.15 3.69 -1.74
C PHE A 9 -8.10 4.79 -1.34
N ASN A 10 -9.25 4.40 -0.81
CA ASN A 10 -10.24 5.35 -0.34
C ASN A 10 -9.92 5.74 1.08
N ALA A 11 -9.34 6.92 1.25
CA ALA A 11 -8.87 7.38 2.55
C ALA A 11 -10.03 7.75 3.46
N GLU A 12 -11.17 8.05 2.86
CA GLU A 12 -12.34 8.46 3.62
C GLU A 12 -12.96 7.25 4.30
N LYS A 13 -13.09 6.17 3.54
CA LYS A 13 -13.70 4.96 4.03
C LYS A 13 -12.68 4.08 4.74
N GLY A 14 -11.44 4.18 4.29
CA GLY A 14 -10.36 3.45 4.91
C GLY A 14 -10.14 2.09 4.30
N PHE A 15 -10.39 1.96 3.00
CA PHE A 15 -10.13 0.71 2.31
C PHE A 15 -9.73 0.96 0.86
N GLY A 16 -9.14 -0.04 0.23
CA GLY A 16 -8.70 0.09 -1.14
C GLY A 16 -8.24 -1.23 -1.71
N PHE A 17 -7.47 -1.17 -2.79
CA PHE A 17 -6.94 -2.38 -3.42
C PHE A 17 -5.50 -2.17 -3.86
N ILE A 18 -4.73 -3.24 -3.78
CA ILE A 18 -3.35 -3.24 -4.24
C ILE A 18 -3.17 -4.24 -5.36
N ALA A 19 -2.34 -3.88 -6.32
CA ALA A 19 -1.91 -4.80 -7.36
C ALA A 19 -0.52 -5.32 -7.01
N PRO A 20 -0.46 -6.47 -6.35
CA PRO A 20 0.81 -7.09 -5.92
C PRO A 20 1.76 -7.36 -7.07
N ASP A 21 3.04 -7.21 -6.80
CA ASP A 21 4.08 -7.54 -7.76
C ASP A 21 4.22 -9.05 -7.83
N ASP A 22 3.58 -9.70 -6.86
CA ASP A 22 3.55 -11.16 -6.74
C ASP A 22 2.62 -11.81 -7.77
N GLY A 23 2.39 -11.11 -8.88
CA GLY A 23 1.51 -11.64 -9.91
C GLY A 23 0.14 -10.99 -9.90
N SER A 24 0.07 -9.79 -9.34
CA SER A 24 -1.13 -8.97 -9.35
C SER A 24 -2.35 -9.70 -8.78
N ALA A 25 -2.16 -10.34 -7.65
CA ALA A 25 -3.28 -10.92 -6.92
C ALA A 25 -3.98 -9.82 -6.15
N ASP A 26 -4.81 -9.05 -6.87
CA ASP A 26 -5.47 -7.85 -6.36
C ASP A 26 -5.94 -8.04 -4.92
N VAL A 27 -5.26 -7.38 -4.02
CA VAL A 27 -5.48 -7.56 -2.60
C VAL A 27 -6.22 -6.37 -2.00
N PHE A 28 -7.16 -6.65 -1.12
CA PHE A 28 -7.99 -5.64 -0.49
C PHE A 28 -7.26 -5.01 0.69
N VAL A 29 -7.22 -3.69 0.71
CA VAL A 29 -6.53 -2.97 1.78
C VAL A 29 -7.52 -2.39 2.76
N HIS A 30 -7.12 -2.30 4.01
CA HIS A 30 -7.95 -1.71 5.04
C HIS A 30 -7.08 -0.92 6.01
N TYR A 31 -7.51 0.29 6.31
CA TYR A 31 -6.70 1.29 7.02
C TYR A 31 -6.09 0.77 8.32
N SER A 32 -6.82 -0.07 9.04
CA SER A 32 -6.35 -0.55 10.33
C SER A 32 -5.16 -1.48 10.18
N GLU A 33 -4.99 -2.01 8.97
CA GLU A 33 -3.90 -2.91 8.68
C GLU A 33 -2.67 -2.14 8.21
N ILE A 34 -2.90 -0.90 7.80
CA ILE A 34 -1.82 -0.06 7.33
C ILE A 34 -0.99 0.46 8.49
N GLN A 35 0.32 0.40 8.32
CA GLN A 35 1.25 0.85 9.33
C GLN A 35 2.03 2.05 8.79
N GLY A 36 1.49 3.23 8.98
CA GLY A 36 2.08 4.41 8.39
C GLY A 36 2.69 5.35 9.41
N ASN A 37 2.87 6.60 9.00
CA ASN A 37 3.50 7.62 9.84
C ASN A 37 2.47 8.33 10.70
N GLY A 38 1.52 7.57 11.22
CA GLY A 38 0.41 8.16 11.94
C GLY A 38 -0.80 8.28 11.04
N PHE A 39 -0.55 8.25 9.74
CA PHE A 39 -1.61 8.24 8.75
C PHE A 39 -1.71 6.86 8.13
N ARG A 40 -2.76 6.15 8.45
CA ARG A 40 -2.98 4.82 7.90
C ARG A 40 -3.69 4.93 6.57
N THR A 41 -3.03 5.55 5.61
CA THR A 41 -3.60 5.80 4.31
C THR A 41 -2.61 5.49 3.21
N LEU A 42 -3.14 5.29 2.01
CA LEU A 42 -2.32 4.99 0.85
C LEU A 42 -2.72 5.86 -0.32
N GLU A 43 -1.83 5.98 -1.28
CA GLU A 43 -2.05 6.79 -2.47
C GLU A 43 -2.23 5.90 -3.69
N GLU A 44 -2.91 6.42 -4.68
CA GLU A 44 -3.17 5.68 -5.90
C GLU A 44 -1.89 5.58 -6.73
N ASN A 45 -1.55 4.36 -7.12
CA ASN A 45 -0.32 4.07 -7.87
C ASN A 45 0.89 4.31 -6.99
N GLN A 46 0.74 3.97 -5.73
CA GLN A 46 1.81 4.05 -4.76
C GLN A 46 2.38 2.66 -4.51
N LYS A 47 3.70 2.54 -4.56
CA LYS A 47 4.33 1.28 -4.23
C LYS A 47 4.10 0.96 -2.77
N VAL A 48 3.88 -0.31 -2.48
CA VAL A 48 3.49 -0.70 -1.15
C VAL A 48 3.91 -2.14 -0.84
N GLU A 49 4.11 -2.39 0.44
CA GLU A 49 4.45 -3.69 0.95
C GLU A 49 3.38 -4.14 1.94
N PHE A 50 3.11 -5.43 2.03
CA PHE A 50 2.00 -5.91 2.85
C PHE A 50 2.09 -7.42 3.10
N GLU A 51 1.12 -7.92 3.84
CA GLU A 51 1.00 -9.34 4.11
C GLU A 51 -0.39 -9.81 3.71
N ILE A 52 -0.46 -10.65 2.69
CA ILE A 52 -1.74 -11.09 2.16
C ILE A 52 -2.41 -12.12 3.06
N GLY A 53 -3.54 -11.74 3.62
CA GLY A 53 -4.36 -12.66 4.37
C GLY A 53 -5.69 -12.86 3.68
N GLU A 54 -6.73 -13.16 4.44
CA GLU A 54 -8.04 -13.34 3.88
C GLU A 54 -9.08 -12.55 4.68
N GLY A 55 -9.73 -11.63 3.99
CA GLY A 55 -10.72 -10.78 4.61
C GLY A 55 -12.11 -11.14 4.14
N ALA A 56 -13.03 -10.19 4.30
CA ALA A 56 -14.41 -10.39 3.92
C ALA A 56 -14.58 -10.71 2.44
N LYS A 57 -13.75 -10.08 1.60
CA LYS A 57 -13.85 -10.25 0.15
C LYS A 57 -12.53 -10.70 -0.45
N GLY A 58 -11.98 -11.79 0.05
CA GLY A 58 -10.78 -12.36 -0.53
C GLY A 58 -9.53 -11.93 0.18
N PRO A 59 -8.40 -11.87 -0.54
CA PRO A 59 -7.11 -11.51 0.06
C PRO A 59 -7.11 -10.10 0.65
N GLN A 60 -6.58 -9.99 1.85
CA GLN A 60 -6.51 -8.71 2.55
C GLN A 60 -5.06 -8.33 2.79
N ALA A 61 -4.75 -7.06 2.62
CA ALA A 61 -3.41 -6.57 2.87
C ALA A 61 -3.26 -6.23 4.35
N GLN A 62 -2.50 -7.06 5.05
CA GLN A 62 -2.25 -6.86 6.47
C GLN A 62 -0.88 -6.27 6.67
N GLN A 63 -0.71 -5.49 7.73
CA GLN A 63 0.58 -4.87 8.05
C GLN A 63 1.14 -4.14 6.84
N VAL A 64 0.32 -3.27 6.28
CA VAL A 64 0.65 -2.61 5.04
C VAL A 64 1.69 -1.51 5.27
N HIS A 65 2.79 -1.60 4.56
CA HIS A 65 3.87 -0.64 4.66
C HIS A 65 4.01 0.10 3.33
N ALA A 66 3.88 1.40 3.35
CA ALA A 66 3.96 2.17 2.12
C ALA A 66 5.40 2.27 1.63
N LEU A 67 5.60 1.96 0.36
CA LEU A 67 6.93 2.03 -0.24
C LEU A 67 7.10 3.35 -0.99
N GLY A 68 6.00 3.83 -1.56
CA GLY A 68 6.03 5.08 -2.29
C GLY A 68 5.92 6.27 -1.36
N GLY A 69 6.92 6.45 -0.51
CA GLY A 69 6.95 7.58 0.40
C GLY A 69 8.33 7.79 0.98
N GLU A 70 8.77 6.84 1.79
CA GLU A 70 10.10 6.88 2.38
C GLU A 70 11.15 6.42 1.38
N ASN A 71 11.20 7.12 0.25
CA ASN A 71 12.12 6.79 -0.83
C ASN A 71 12.14 7.96 -1.81
N LEU A 72 13.10 7.99 -2.72
CA LEU A 72 13.19 9.06 -3.71
C LEU A 72 11.90 9.09 -4.53
N TYR A 73 11.56 7.94 -5.11
CA TYR A 73 10.27 7.74 -5.79
C TYR A 73 10.06 8.76 -6.91
N PHE A 74 10.75 8.55 -8.01
CA PHE A 74 10.66 9.45 -9.16
C PHE A 74 9.43 9.14 -10.00
N GLN A 75 8.27 9.33 -9.41
CA GLN A 75 7.01 9.05 -10.10
C GLN A 75 6.49 10.32 -10.76
N GLY A 76 7.38 11.03 -11.45
CA GLY A 76 6.98 12.22 -12.16
C GLY A 76 6.50 11.89 -13.56
N HIS A 77 7.29 11.08 -14.26
CA HIS A 77 6.96 10.59 -15.60
C HIS A 77 6.81 11.76 -16.57
N HIS A 78 7.58 12.82 -16.36
CA HIS A 78 7.52 14.00 -17.21
C HIS A 78 8.68 13.99 -18.20
N HIS A 79 9.80 13.42 -17.79
CA HIS A 79 10.98 13.38 -18.64
C HIS A 79 11.03 12.06 -19.40
N HIS A 80 10.11 11.88 -20.33
CA HIS A 80 10.04 10.64 -21.09
C HIS A 80 10.95 10.70 -22.30
N HIS A 81 11.12 11.89 -22.86
CA HIS A 81 12.07 12.06 -23.97
C HIS A 81 12.68 13.46 -23.96
N HIS A 82 12.50 14.17 -22.85
CA HIS A 82 13.11 15.49 -22.68
C HIS A 82 12.88 15.95 -21.25
N MET A 1 6.87 -10.07 3.00
CA MET A 1 6.37 -11.24 2.24
C MET A 1 5.87 -10.82 0.87
N ALA A 2 4.76 -10.09 0.84
CA ALA A 2 4.17 -9.66 -0.41
C ALA A 2 4.41 -8.19 -0.65
N GLN A 3 4.38 -7.81 -1.91
CA GLN A 3 4.55 -6.43 -2.31
C GLN A 3 3.61 -6.14 -3.45
N GLY A 4 3.51 -4.88 -3.83
CA GLY A 4 2.68 -4.52 -4.94
C GLY A 4 2.57 -3.03 -5.08
N THR A 5 1.59 -2.61 -5.87
CA THR A 5 1.32 -1.20 -6.07
C THR A 5 -0.15 -0.95 -5.82
N VAL A 6 -0.45 -0.05 -4.90
CA VAL A 6 -1.84 0.28 -4.60
C VAL A 6 -2.50 0.92 -5.81
N LYS A 7 -3.49 0.19 -6.34
CA LYS A 7 -4.21 0.59 -7.52
C LYS A 7 -5.03 1.84 -7.23
N TRP A 8 -5.61 1.84 -6.04
CA TRP A 8 -6.37 2.97 -5.54
C TRP A 8 -6.68 2.76 -4.08
N PHE A 9 -6.91 3.85 -3.37
CA PHE A 9 -7.28 3.75 -1.98
C PHE A 9 -8.33 4.80 -1.64
N ASN A 10 -9.34 4.38 -0.89
CA ASN A 10 -10.37 5.28 -0.41
C ASN A 10 -10.10 5.62 1.05
N ALA A 11 -9.63 6.84 1.27
CA ALA A 11 -9.16 7.25 2.59
C ALA A 11 -10.31 7.43 3.59
N GLU A 12 -11.42 7.98 3.12
CA GLU A 12 -12.52 8.30 4.02
C GLU A 12 -13.27 7.03 4.43
N LYS A 13 -13.20 6.00 3.60
CA LYS A 13 -13.84 4.72 3.91
C LYS A 13 -12.83 3.79 4.58
N GLY A 14 -11.57 3.97 4.23
CA GLY A 14 -10.50 3.23 4.86
C GLY A 14 -10.20 1.91 4.19
N PHE A 15 -10.49 1.81 2.90
CA PHE A 15 -10.18 0.59 2.16
C PHE A 15 -9.77 0.90 0.73
N GLY A 16 -9.15 -0.06 0.09
CA GLY A 16 -8.70 0.10 -1.27
C GLY A 16 -8.23 -1.21 -1.86
N PHE A 17 -7.53 -1.16 -2.99
CA PHE A 17 -7.02 -2.37 -3.60
C PHE A 17 -5.60 -2.19 -4.11
N ILE A 18 -4.77 -3.17 -3.83
CA ILE A 18 -3.40 -3.18 -4.29
C ILE A 18 -3.25 -4.21 -5.40
N ALA A 19 -2.38 -3.91 -6.35
CA ALA A 19 -2.00 -4.87 -7.36
C ALA A 19 -0.66 -5.50 -6.99
N PRO A 20 -0.71 -6.65 -6.28
CA PRO A 20 0.49 -7.34 -5.80
C PRO A 20 1.48 -7.66 -6.91
N ASP A 21 2.75 -7.68 -6.52
CA ASP A 21 3.84 -7.99 -7.44
C ASP A 21 3.87 -9.48 -7.74
N ASP A 22 3.12 -10.24 -6.95
CA ASP A 22 3.07 -11.70 -7.11
C ASP A 22 2.13 -12.10 -8.25
N GLY A 23 1.92 -11.20 -9.19
CA GLY A 23 1.08 -11.48 -10.33
C GLY A 23 -0.30 -10.85 -10.21
N SER A 24 -0.39 -9.85 -9.33
CA SER A 24 -1.60 -9.05 -9.14
C SER A 24 -2.86 -9.90 -8.99
N ALA A 25 -3.06 -10.41 -7.78
CA ALA A 25 -4.29 -11.14 -7.45
C ALA A 25 -5.37 -10.18 -6.97
N ASP A 26 -5.00 -8.90 -6.93
CA ASP A 26 -5.87 -7.83 -6.43
C ASP A 26 -6.20 -8.04 -4.96
N VAL A 27 -5.44 -7.39 -4.11
CA VAL A 27 -5.58 -7.57 -2.68
C VAL A 27 -6.30 -6.37 -2.04
N PHE A 28 -7.25 -6.67 -1.17
CA PHE A 28 -8.05 -5.66 -0.51
C PHE A 28 -7.26 -5.00 0.62
N VAL A 29 -7.21 -3.68 0.62
CA VAL A 29 -6.49 -2.95 1.65
C VAL A 29 -7.44 -2.46 2.71
N HIS A 30 -6.97 -2.43 3.94
CA HIS A 30 -7.77 -1.96 5.05
C HIS A 30 -6.89 -1.06 5.93
N TYR A 31 -7.37 0.16 6.17
CA TYR A 31 -6.55 1.22 6.78
C TYR A 31 -6.01 0.84 8.16
N SER A 32 -6.71 -0.04 8.87
CA SER A 32 -6.28 -0.45 10.19
C SER A 32 -5.04 -1.34 10.10
N GLU A 33 -4.86 -1.96 8.94
CA GLU A 33 -3.72 -2.83 8.72
C GLU A 33 -2.56 -2.05 8.12
N ILE A 34 -2.84 -0.82 7.68
CA ILE A 34 -1.82 0.03 7.09
C ILE A 34 -0.83 0.52 8.14
N GLN A 35 0.44 0.41 7.81
CA GLN A 35 1.50 0.79 8.70
C GLN A 35 2.19 2.05 8.16
N GLY A 36 2.27 3.08 8.98
CA GLY A 36 2.90 4.31 8.56
C GLY A 36 3.39 5.13 9.74
N ASN A 37 4.07 6.23 9.46
CA ASN A 37 4.60 7.09 10.52
C ASN A 37 3.63 8.23 10.82
N GLY A 38 2.35 7.91 10.85
CA GLY A 38 1.33 8.91 11.06
C GLY A 38 0.39 9.01 9.87
N PHE A 39 0.44 8.00 9.02
CA PHE A 39 -0.42 7.92 7.85
C PHE A 39 -0.95 6.50 7.68
N ARG A 40 -2.25 6.34 7.78
CA ARG A 40 -2.88 5.07 7.47
C ARG A 40 -3.64 5.17 6.17
N THR A 41 -2.96 5.73 5.18
CA THR A 41 -3.54 5.93 3.87
C THR A 41 -2.51 5.62 2.79
N LEU A 42 -2.98 5.08 1.68
CA LEU A 42 -2.12 4.76 0.56
C LEU A 42 -2.42 5.68 -0.61
N GLU A 43 -1.40 5.95 -1.40
CA GLU A 43 -1.56 6.85 -2.53
C GLU A 43 -1.73 6.04 -3.80
N GLU A 44 -2.63 6.50 -4.65
CA GLU A 44 -2.89 5.82 -5.91
C GLU A 44 -1.61 5.74 -6.73
N ASN A 45 -1.28 4.52 -7.19
CA ASN A 45 -0.08 4.26 -7.96
C ASN A 45 1.16 4.41 -7.10
N GLN A 46 1.07 3.95 -5.87
CA GLN A 46 2.20 3.94 -4.96
C GLN A 46 2.62 2.51 -4.65
N LYS A 47 3.92 2.29 -4.57
CA LYS A 47 4.42 0.98 -4.20
C LYS A 47 4.16 0.71 -2.74
N VAL A 48 3.99 -0.56 -2.42
CA VAL A 48 3.61 -0.94 -1.08
C VAL A 48 4.05 -2.37 -0.78
N GLU A 49 4.28 -2.64 0.49
CA GLU A 49 4.63 -3.96 0.96
C GLU A 49 3.62 -4.40 2.01
N PHE A 50 3.27 -5.68 2.01
CA PHE A 50 2.20 -6.15 2.86
C PHE A 50 2.26 -7.66 3.04
N GLU A 51 1.42 -8.15 3.94
CA GLU A 51 1.27 -9.57 4.15
C GLU A 51 -0.18 -9.95 3.87
N ILE A 52 -0.40 -10.76 2.86
CA ILE A 52 -1.75 -11.09 2.46
C ILE A 52 -2.39 -12.05 3.45
N GLY A 53 -3.60 -11.71 3.85
CA GLY A 53 -4.37 -12.57 4.71
C GLY A 53 -5.81 -12.61 4.26
N GLU A 54 -6.69 -13.07 5.12
CA GLU A 54 -8.09 -13.16 4.77
C GLU A 54 -8.89 -12.08 5.48
N GLY A 55 -9.63 -11.32 4.70
CA GLY A 55 -10.46 -10.27 5.26
C GLY A 55 -11.93 -10.59 5.07
N ALA A 56 -12.77 -9.57 5.17
CA ALA A 56 -14.20 -9.74 5.00
C ALA A 56 -14.54 -10.04 3.55
N LYS A 57 -13.77 -9.47 2.63
CA LYS A 57 -14.04 -9.63 1.20
C LYS A 57 -12.84 -10.25 0.49
N GLY A 58 -12.43 -11.41 0.95
CA GLY A 58 -11.35 -12.12 0.29
C GLY A 58 -10.00 -11.76 0.87
N PRO A 59 -8.93 -11.89 0.09
CA PRO A 59 -7.57 -11.58 0.54
C PRO A 59 -7.41 -10.11 0.89
N GLN A 60 -6.78 -9.85 2.02
CA GLN A 60 -6.55 -8.48 2.45
C GLN A 60 -5.07 -8.24 2.70
N ALA A 61 -4.65 -7.02 2.47
CA ALA A 61 -3.30 -6.61 2.76
C ALA A 61 -3.17 -6.29 4.24
N GLN A 62 -2.40 -7.10 4.93
CA GLN A 62 -2.17 -6.91 6.35
C GLN A 62 -0.78 -6.36 6.56
N GLN A 63 -0.61 -5.52 7.57
CA GLN A 63 0.67 -4.87 7.82
C GLN A 63 1.15 -4.17 6.56
N VAL A 64 0.34 -3.25 6.08
CA VAL A 64 0.57 -2.61 4.80
C VAL A 64 1.58 -1.47 4.95
N HIS A 65 2.82 -1.76 4.63
CA HIS A 65 3.90 -0.78 4.73
C HIS A 65 4.08 -0.10 3.37
N ALA A 66 3.89 1.21 3.35
CA ALA A 66 4.02 1.95 2.12
C ALA A 66 5.48 2.04 1.67
N LEU A 67 5.72 1.75 0.41
CA LEU A 67 7.07 1.80 -0.14
C LEU A 67 7.28 3.12 -0.84
N GLY A 68 8.45 3.70 -0.64
CA GLY A 68 8.74 5.01 -1.20
C GLY A 68 8.07 6.10 -0.40
N GLY A 69 6.88 6.48 -0.81
CA GLY A 69 6.14 7.49 -0.10
C GLY A 69 6.49 8.90 -0.57
N GLU A 70 5.62 9.85 -0.27
CA GLU A 70 5.84 11.22 -0.69
C GLU A 70 6.64 11.98 0.37
N ASN A 71 7.84 11.51 0.65
CA ASN A 71 8.67 12.09 1.70
C ASN A 71 9.52 13.22 1.15
N LEU A 72 10.03 13.06 -0.08
CA LEU A 72 10.88 14.08 -0.68
C LEU A 72 10.02 15.15 -1.35
N TYR A 73 9.04 15.63 -0.59
CA TYR A 73 8.16 16.69 -1.05
C TYR A 73 7.83 17.60 0.14
N PHE A 74 8.40 18.79 0.14
CA PHE A 74 8.28 19.70 1.27
C PHE A 74 6.91 20.38 1.26
N GLN A 75 5.88 19.61 1.59
CA GLN A 75 4.53 20.14 1.66
C GLN A 75 3.89 19.80 3.00
N GLY A 76 4.73 19.66 4.01
CA GLY A 76 4.26 19.37 5.36
C GLY A 76 3.23 20.38 5.82
N HIS A 77 3.46 21.64 5.49
CA HIS A 77 2.50 22.70 5.79
C HIS A 77 2.08 23.40 4.50
N HIS A 78 1.66 22.57 3.53
CA HIS A 78 1.16 23.02 2.24
C HIS A 78 2.29 23.55 1.35
N HIS A 79 2.64 24.83 1.48
CA HIS A 79 3.62 25.45 0.60
C HIS A 79 4.58 26.33 1.38
N HIS A 80 5.84 26.35 0.95
CA HIS A 80 6.84 27.22 1.56
C HIS A 80 7.85 27.69 0.51
N HIS A 81 8.26 26.78 -0.37
CA HIS A 81 9.15 27.13 -1.46
C HIS A 81 8.39 27.81 -2.58
N HIS A 82 7.23 27.26 -2.90
CA HIS A 82 6.36 27.82 -3.91
C HIS A 82 4.95 27.30 -3.70
N MET A 1 6.69 -11.32 3.44
CA MET A 1 5.55 -10.50 2.99
C MET A 1 5.63 -10.26 1.48
N ALA A 2 4.52 -9.83 0.91
CA ALA A 2 4.44 -9.56 -0.51
C ALA A 2 4.57 -8.07 -0.77
N GLN A 3 4.66 -7.71 -2.03
CA GLN A 3 4.73 -6.31 -2.43
C GLN A 3 3.82 -6.09 -3.61
N GLY A 4 3.63 -4.84 -3.98
CA GLY A 4 2.82 -4.55 -5.13
C GLY A 4 2.58 -3.08 -5.31
N THR A 5 1.47 -2.76 -5.94
CA THR A 5 1.10 -1.39 -6.20
C THR A 5 -0.35 -1.18 -5.82
N VAL A 6 -0.60 -0.29 -4.88
CA VAL A 6 -1.97 0.04 -4.51
C VAL A 6 -2.68 0.67 -5.70
N LYS A 7 -3.62 -0.07 -6.26
CA LYS A 7 -4.30 0.34 -7.46
C LYS A 7 -5.20 1.52 -7.19
N TRP A 8 -5.70 1.58 -5.96
CA TRP A 8 -6.46 2.72 -5.47
C TRP A 8 -6.72 2.56 -3.99
N PHE A 9 -6.79 3.68 -3.29
CA PHE A 9 -7.08 3.65 -1.87
C PHE A 9 -7.88 4.87 -1.47
N ASN A 10 -9.12 4.63 -1.06
CA ASN A 10 -9.98 5.71 -0.61
C ASN A 10 -9.75 5.94 0.87
N ALA A 11 -8.97 6.96 1.19
CA ALA A 11 -8.59 7.26 2.56
C ALA A 11 -9.81 7.66 3.40
N GLU A 12 -10.80 8.27 2.74
CA GLU A 12 -12.00 8.71 3.44
C GLU A 12 -12.73 7.50 4.00
N LYS A 13 -12.81 6.46 3.21
CA LYS A 13 -13.49 5.25 3.60
C LYS A 13 -12.54 4.36 4.42
N GLY A 14 -11.26 4.48 4.09
CA GLY A 14 -10.25 3.76 4.82
C GLY A 14 -9.95 2.40 4.23
N PHE A 15 -10.27 2.21 2.96
CA PHE A 15 -9.99 0.95 2.31
C PHE A 15 -9.67 1.15 0.83
N GLY A 16 -9.12 0.12 0.22
CA GLY A 16 -8.74 0.18 -1.17
C GLY A 16 -8.29 -1.19 -1.67
N PHE A 17 -7.53 -1.19 -2.74
CA PHE A 17 -7.00 -2.43 -3.30
C PHE A 17 -5.57 -2.26 -3.75
N ILE A 18 -4.81 -3.34 -3.67
CA ILE A 18 -3.46 -3.38 -4.17
C ILE A 18 -3.34 -4.44 -5.23
N ALA A 19 -2.53 -4.17 -6.24
CA ALA A 19 -2.16 -5.17 -7.21
C ALA A 19 -0.78 -5.70 -6.89
N PRO A 20 -0.72 -6.80 -6.12
CA PRO A 20 0.55 -7.42 -5.73
C PRO A 20 1.46 -7.70 -6.92
N ASP A 21 2.76 -7.58 -6.69
CA ASP A 21 3.75 -7.83 -7.72
C ASP A 21 3.86 -9.33 -7.97
N ASP A 22 3.26 -10.10 -7.07
CA ASP A 22 3.28 -11.56 -7.13
C ASP A 22 2.25 -12.09 -8.13
N GLY A 23 1.88 -11.23 -9.09
CA GLY A 23 0.91 -11.62 -10.10
C GLY A 23 -0.46 -11.02 -9.88
N SER A 24 -0.53 -10.04 -8.98
CA SER A 24 -1.73 -9.24 -8.74
C SER A 24 -2.96 -10.10 -8.43
N ALA A 25 -3.08 -10.53 -7.19
CA ALA A 25 -4.26 -11.27 -6.75
C ALA A 25 -5.38 -10.31 -6.32
N ASP A 26 -5.13 -9.02 -6.53
CA ASP A 26 -6.08 -7.95 -6.15
C ASP A 26 -6.40 -8.03 -4.67
N VAL A 27 -5.47 -7.55 -3.86
CA VAL A 27 -5.61 -7.65 -2.42
C VAL A 27 -6.32 -6.42 -1.85
N PHE A 28 -7.26 -6.67 -0.95
CA PHE A 28 -8.04 -5.61 -0.34
C PHE A 28 -7.27 -4.95 0.79
N VAL A 29 -7.24 -3.63 0.79
CA VAL A 29 -6.51 -2.90 1.82
C VAL A 29 -7.47 -2.26 2.81
N HIS A 30 -7.08 -2.24 4.07
CA HIS A 30 -7.85 -1.59 5.10
C HIS A 30 -6.89 -0.79 6.00
N TYR A 31 -7.25 0.46 6.23
CA TYR A 31 -6.36 1.43 6.88
C TYR A 31 -5.84 0.97 8.23
N SER A 32 -6.63 0.19 8.96
CA SER A 32 -6.23 -0.28 10.27
C SER A 32 -5.08 -1.27 10.17
N GLU A 33 -4.93 -1.87 9.00
CA GLU A 33 -3.87 -2.84 8.76
C GLU A 33 -2.64 -2.16 8.18
N ILE A 34 -2.80 -0.90 7.80
CA ILE A 34 -1.70 -0.13 7.26
C ILE A 34 -0.79 0.36 8.38
N GLN A 35 0.50 0.19 8.17
CA GLN A 35 1.50 0.61 9.15
C GLN A 35 2.25 1.81 8.59
N GLY A 36 1.73 2.99 8.84
CA GLY A 36 2.29 4.19 8.25
C GLY A 36 3.03 5.05 9.26
N ASN A 37 3.22 6.32 8.90
CA ASN A 37 3.93 7.27 9.75
C ASN A 37 2.94 8.14 10.52
N GLY A 38 1.89 7.51 11.02
CA GLY A 38 0.82 8.25 11.66
C GLY A 38 -0.38 8.34 10.76
N PHE A 39 -0.14 8.37 9.46
CA PHE A 39 -1.20 8.33 8.47
C PHE A 39 -1.28 6.95 7.86
N ARG A 40 -2.33 6.22 8.19
CA ARG A 40 -2.53 4.89 7.66
C ARG A 40 -3.28 4.97 6.34
N THR A 41 -2.62 5.54 5.35
CA THR A 41 -3.24 5.80 4.06
C THR A 41 -2.31 5.43 2.91
N LEU A 42 -2.90 5.14 1.76
CA LEU A 42 -2.15 4.81 0.57
C LEU A 42 -2.56 5.71 -0.59
N GLU A 43 -1.76 5.71 -1.64
CA GLU A 43 -1.99 6.55 -2.80
C GLU A 43 -2.22 5.70 -4.04
N GLU A 44 -3.07 6.18 -4.93
CA GLU A 44 -3.39 5.46 -6.14
C GLU A 44 -2.15 5.29 -7.02
N ASN A 45 -1.90 4.05 -7.40
CA ASN A 45 -0.77 3.68 -8.26
C ASN A 45 0.56 3.88 -7.54
N GLN A 46 0.54 3.71 -6.24
CA GLN A 46 1.73 3.83 -5.43
C GLN A 46 2.26 2.43 -5.08
N LYS A 47 3.57 2.31 -4.98
CA LYS A 47 4.17 1.04 -4.59
C LYS A 47 3.97 0.79 -3.11
N VAL A 48 3.84 -0.46 -2.74
CA VAL A 48 3.50 -0.82 -1.38
C VAL A 48 3.99 -2.23 -1.03
N GLU A 49 4.24 -2.45 0.25
CA GLU A 49 4.67 -3.72 0.78
C GLU A 49 3.66 -4.16 1.84
N PHE A 50 3.30 -5.44 1.85
CA PHE A 50 2.20 -5.89 2.70
C PHE A 50 2.21 -7.41 2.85
N GLU A 51 1.47 -7.90 3.83
CA GLU A 51 1.28 -9.34 3.98
C GLU A 51 -0.15 -9.70 3.60
N ILE A 52 -0.30 -10.61 2.65
CA ILE A 52 -1.62 -10.99 2.19
C ILE A 52 -2.28 -11.97 3.14
N GLY A 53 -3.35 -11.51 3.76
CA GLY A 53 -4.15 -12.36 4.61
C GLY A 53 -5.51 -12.60 4.01
N GLU A 54 -6.42 -13.13 4.80
CA GLU A 54 -7.76 -13.43 4.30
C GLU A 54 -8.75 -12.39 4.81
N GLY A 55 -9.64 -11.95 3.94
CA GLY A 55 -10.61 -10.93 4.30
C GLY A 55 -12.02 -11.39 4.06
N ALA A 56 -12.93 -10.42 3.97
CA ALA A 56 -14.35 -10.70 3.81
C ALA A 56 -14.65 -11.37 2.47
N LYS A 57 -14.30 -10.69 1.38
CA LYS A 57 -14.61 -11.18 0.04
C LYS A 57 -13.36 -11.77 -0.61
N GLY A 58 -12.20 -11.27 -0.22
CA GLY A 58 -10.97 -11.74 -0.79
C GLY A 58 -9.82 -11.51 0.15
N PRO A 59 -8.58 -11.65 -0.33
CA PRO A 59 -7.38 -11.43 0.48
C PRO A 59 -7.27 -9.98 0.94
N GLN A 60 -6.69 -9.79 2.11
CA GLN A 60 -6.54 -8.46 2.66
C GLN A 60 -5.07 -8.15 2.95
N ALA A 61 -4.68 -6.93 2.65
CA ALA A 61 -3.33 -6.48 2.90
C ALA A 61 -3.15 -6.18 4.37
N GLN A 62 -2.29 -6.95 5.00
CA GLN A 62 -2.04 -6.80 6.43
C GLN A 62 -0.63 -6.27 6.64
N GLN A 63 -0.46 -5.43 7.65
CA GLN A 63 0.83 -4.82 7.94
C GLN A 63 1.35 -4.09 6.70
N VAL A 64 0.51 -3.22 6.18
CA VAL A 64 0.78 -2.55 4.91
C VAL A 64 1.76 -1.41 5.09
N HIS A 65 2.86 -1.45 4.36
CA HIS A 65 3.86 -0.40 4.38
C HIS A 65 4.00 0.20 3.00
N ALA A 66 3.80 1.50 2.90
CA ALA A 66 3.90 2.19 1.63
C ALA A 66 5.35 2.28 1.18
N LEU A 67 5.58 2.01 -0.09
CA LEU A 67 6.91 2.08 -0.66
C LEU A 67 7.11 3.40 -1.39
N GLY A 68 6.56 4.45 -0.80
CA GLY A 68 6.67 5.77 -1.39
C GLY A 68 7.78 6.58 -0.74
N GLY A 69 8.16 7.68 -1.38
CA GLY A 69 9.23 8.49 -0.86
C GLY A 69 8.80 9.32 0.33
N GLU A 70 9.18 8.87 1.51
CA GLU A 70 8.87 9.59 2.73
C GLU A 70 9.97 10.58 3.05
N ASN A 71 9.82 11.79 2.54
CA ASN A 71 10.82 12.82 2.74
C ASN A 71 10.61 13.48 4.10
N LEU A 72 11.62 13.33 4.97
CA LEU A 72 11.51 13.81 6.34
C LEU A 72 11.83 15.30 6.42
N TYR A 73 10.93 16.12 5.90
CA TYR A 73 11.10 17.57 5.96
C TYR A 73 10.40 18.12 7.18
N PHE A 74 11.13 18.21 8.27
CA PHE A 74 10.57 18.73 9.52
C PHE A 74 10.44 20.24 9.46
N GLN A 75 11.16 20.83 8.51
CA GLN A 75 11.02 22.24 8.21
C GLN A 75 10.19 22.41 6.94
N GLY A 76 9.66 23.61 6.73
CA GLY A 76 8.79 23.84 5.60
C GLY A 76 7.36 23.47 5.93
N HIS A 77 7.00 22.21 5.70
CA HIS A 77 5.70 21.70 6.09
C HIS A 77 5.81 20.99 7.44
N HIS A 78 4.69 20.81 8.11
CA HIS A 78 4.71 20.22 9.44
C HIS A 78 4.01 18.86 9.41
N HIS A 79 4.71 17.84 9.88
CA HIS A 79 4.12 16.51 10.02
C HIS A 79 3.13 16.51 11.18
N HIS A 80 1.86 16.59 10.86
CA HIS A 80 0.81 16.62 11.86
C HIS A 80 -0.22 15.54 11.58
N HIS A 81 -0.21 14.50 12.39
CA HIS A 81 -1.20 13.42 12.28
C HIS A 81 -2.61 13.97 12.49
N HIS A 82 -3.57 13.36 11.82
CA HIS A 82 -4.95 13.83 11.88
C HIS A 82 -5.57 13.55 13.24
#